data_9CBL
#
_entry.id   9CBL
#
_cell.length_a   1.00
_cell.length_b   1.00
_cell.length_c   1.00
_cell.angle_alpha   90.00
_cell.angle_beta   90.00
_cell.angle_gamma   90.00
#
_symmetry.space_group_name_H-M   'P 1'
#
loop_
_entity.id
_entity.type
_entity.pdbx_description
1 polymer 'Guanine nucleotide-binding protein G(i) subunit alpha-1'
2 polymer 'Guanine nucleotide-binding protein G(I)/G(S)/G(T) subunit beta-1'
3 polymer 'Guanine nucleotide-binding protein G(I)/G(S)/G(O) subunit gamma-2'
4 polymer 'Endolysin,Alpha-2A adrenergic receptor'
5 non-polymer L-EPINEPHRINE
#
loop_
_entity_poly.entity_id
_entity_poly.type
_entity_poly.pdbx_seq_one_letter_code
_entity_poly.pdbx_strand_id
1 'polypeptide(L)'
;MGSSHHHHHHSSGLEVLFQGPHMASMGCTLSAEDKAAVERSKMIDRNLREDGEKAAREVKLLLLGAGESGKSTIVKQMKI
IHEAGYSEEECKQYKAVVYSNTIQSIIAIIRAMGRLKIDFGDAARADDARQLFVLAGAAEEGFMTAELAGVIKRLWKDSG
VQACFNRSREYQLNDSAAYYLNDLDRIAQPNYIPTQQDVLRTRVKTTGIVETHFTFKDLHFKMFDVGAQRSERKKWIHCF
EGVTAIIFCVALSDYDLVLAEDEEMNRMHESMKLFDSICNNKWFTDTSIILFLNKKDLFEEKIKKSPLTICYPEYAGSNT
YEEAAAYIQCQFEDLNKRKDTKEIYTHFTCATDTKNVQFVFDAVTDVIIKNNLKDCGLF
;
A
2 'polypeptide(L)'
;SELDQLRQEAEQLKNQIRDARKACADATLSQITNNIDPVGRIQMRTRRTLRGHLAKIYAMHWGTDSRLLVSASQDGKLII
WDSYTTNKVHAIPLRSSWVMTCAYAPSGNYVACGGLDNICSIYNLKTREGNVRVSRELAGHTGYLSCCRFLDDNQIVTSS
GDTTCALWDIETGQQTTTFTGHTGDVMSLSLAPDTRLFVSGACDASAKLWDVREGMCRQTFTGHESDINAICFFPNGNAF
ATGSDDATCRLFDLRADQELMTYSHDNIICGITSVSFSKSGRLLLAGYDDFNCNVWDALKADRAGVLAGHDNRVSCLGVT
DDGMAVATGSWDSFLKIWN
;
B
3 'polypeptide(L)' MASNNTASIAQARKLVEQLKMEANIDRIKVSKAAADLMAYCEAHAKEDPLLTPVPASENPFREKKFFSAIL G
4 'polypeptide(L)'
;MKTIIALSYIFCLVFADYKDDDDKNIFEMLRIDEGLRLKIYKDTEGYYTIGIGHLLTKSPSLNAAKSELDKAIGRNTNGV
ITKDEAEKLFNQDVDAAVRGILRNAKLKPVYDSLDAVRRAALINMVFQMGETGVAGFTNSLRMLQQKRWDEAAVNLAKSR
WYNQTPNRAKRVITTFRTGTWDAYAAAGGGARATPYSLQVTLTLVCLAGLLMLLTVFGNVLVIIAVFTSRALKAPQNLFL
VSLASADILVATLVIPFSLANEVMGYWYFGKAWCEIYLALDVLFCTSSIVHLCAISLDRYWSITQAIEYNLKRTPRRIKA
IIITVWVISAVISFPPLISIEKKGGGGGPQPAEPRCEINDQKWYVISSCIGSFFAPCLIMILVYVRIYQIAKRRTRQNRE
KRFTFVLAVVIGVFVVCWFPFFFTYTLTAVGCSVPRTLFKFFFWFGYCNSSLNPVIYTIFNHDFRRAFKKILCRGDASLE
VLFQ
;
R
#
# COMPACT_ATOMS: atom_id res chain seq x y z
N ALA A 36 -25.93 -18.81 -8.74
CA ALA A 36 -26.15 -17.49 -9.32
C ALA A 36 -24.98 -16.56 -9.00
N ALA A 37 -24.53 -15.82 -10.00
CA ALA A 37 -23.42 -14.89 -9.84
C ALA A 37 -23.84 -13.59 -9.16
N VAL A 38 -25.03 -13.54 -8.59
CA VAL A 38 -25.43 -12.45 -7.71
C VAL A 38 -25.50 -12.88 -6.25
N GLU A 39 -25.96 -14.10 -5.98
CA GLU A 39 -25.93 -14.68 -4.65
C GLU A 39 -24.63 -15.43 -4.38
N ARG A 40 -23.56 -15.11 -5.12
CA ARG A 40 -22.22 -15.61 -4.83
C ARG A 40 -21.39 -14.56 -4.10
N SER A 41 -21.25 -13.37 -4.69
CA SER A 41 -20.42 -12.34 -4.09
C SER A 41 -20.93 -11.94 -2.71
N LYS A 42 -22.25 -11.79 -2.56
CA LYS A 42 -22.80 -11.33 -1.29
C LYS A 42 -22.54 -12.33 -0.17
N MET A 43 -22.59 -13.61 -0.49
CA MET A 43 -22.32 -14.66 0.49
C MET A 43 -20.84 -14.97 0.65
N ILE A 44 -19.97 -14.28 -0.08
CA ILE A 44 -18.53 -14.42 0.08
C ILE A 44 -17.87 -13.13 0.53
N ASP A 45 -18.31 -11.99 -0.01
CA ASP A 45 -17.77 -10.71 0.45
C ASP A 45 -18.15 -10.45 1.89
N ARG A 46 -19.22 -11.08 2.38
CA ARG A 46 -19.53 -11.11 3.81
C ARG A 46 -18.54 -11.94 4.60
N ASN A 47 -17.65 -12.66 3.93
CA ASN A 47 -16.59 -13.43 4.58
C ASN A 47 -15.22 -12.80 4.41
N LEU A 48 -15.11 -11.65 3.74
CA LEU A 48 -13.83 -10.96 3.64
C LEU A 48 -13.72 -9.82 4.65
N ARG A 49 -14.65 -8.85 4.60
CA ARG A 49 -14.66 -7.80 5.61
C ARG A 49 -14.81 -8.40 7.00
N GLU A 50 -15.49 -9.54 7.12
CA GLU A 50 -15.53 -10.27 8.37
C GLU A 50 -14.16 -10.79 8.78
N ASP A 51 -13.19 -10.82 7.86
CA ASP A 51 -11.84 -11.25 8.17
C ASP A 51 -10.84 -10.12 8.26
N GLY A 52 -11.09 -9.00 7.58
CA GLY A 52 -10.19 -7.87 7.63
C GLY A 52 -10.08 -7.24 9.00
N GLU A 53 -11.17 -6.66 9.50
CA GLU A 53 -11.18 -6.10 10.84
C GLU A 53 -10.93 -7.17 11.90
N LYS A 54 -11.24 -8.43 11.60
CA LYS A 54 -11.00 -9.53 12.52
C LYS A 54 -9.52 -9.92 12.60
N ALA A 55 -8.69 -9.47 11.65
CA ALA A 55 -7.28 -9.86 11.66
C ALA A 55 -6.35 -8.67 11.41
N ALA A 56 -6.79 -7.44 11.65
CA ALA A 56 -5.95 -6.27 11.51
C ALA A 56 -5.62 -5.61 12.84
N ARG A 57 -5.90 -6.30 13.96
CA ARG A 57 -5.67 -5.73 15.28
C ARG A 57 -4.33 -6.14 15.88
N GLU A 58 -3.64 -7.11 15.30
CA GLU A 58 -2.39 -7.59 15.86
C GLU A 58 -1.26 -6.59 15.66
N VAL A 59 -0.22 -6.73 16.46
CA VAL A 59 0.99 -5.93 16.37
C VAL A 59 2.06 -6.75 15.68
N LYS A 60 2.59 -6.23 14.58
CA LYS A 60 3.53 -6.96 13.74
C LYS A 60 4.90 -6.29 13.79
N LEU A 61 5.95 -7.11 13.86
CA LEU A 61 7.31 -6.64 14.07
C LEU A 61 8.23 -7.40 13.12
N LEU A 62 9.45 -6.88 12.95
CA LEU A 62 10.38 -7.38 11.96
C LEU A 62 11.77 -7.53 12.59
N LEU A 63 12.25 -8.77 12.70
CA LEU A 63 13.58 -9.05 13.22
C LEU A 63 14.66 -8.89 12.17
N LEU A 64 15.78 -8.30 12.58
CA LEU A 64 16.98 -8.28 11.77
C LEU A 64 18.18 -8.54 12.67
N GLY A 65 19.36 -8.38 12.10
CA GLY A 65 20.61 -8.67 12.78
C GLY A 65 21.56 -9.32 11.81
N ALA A 66 22.56 -10.02 12.35
CA ALA A 66 23.52 -10.76 11.56
C ALA A 66 23.51 -12.23 11.99
N GLY A 67 24.44 -13.00 11.41
CA GLY A 67 24.49 -14.42 11.72
C GLY A 67 24.87 -14.71 13.16
N GLU A 68 25.89 -14.01 13.68
CA GLU A 68 26.37 -14.19 15.04
C GLU A 68 25.92 -13.05 15.94
N SER A 69 24.70 -12.57 15.74
CA SER A 69 24.18 -11.41 16.46
C SER A 69 23.58 -11.78 17.81
N GLY A 70 22.62 -12.70 17.82
CA GLY A 70 21.89 -12.98 19.03
C GLY A 70 20.42 -13.23 18.76
N LYS A 71 20.05 -13.17 17.48
CA LYS A 71 18.69 -13.47 17.04
C LYS A 71 18.25 -14.82 17.57
N SER A 72 19.19 -15.76 17.66
CA SER A 72 18.89 -17.08 18.18
C SER A 72 18.51 -17.04 19.65
N THR A 73 19.21 -16.21 20.44
CA THR A 73 19.08 -16.24 21.89
C THR A 73 18.17 -15.15 22.43
N ILE A 74 17.42 -14.47 21.57
CA ILE A 74 16.40 -13.52 22.00
C ILE A 74 14.99 -14.04 21.71
N VAL A 75 14.83 -14.80 20.62
CA VAL A 75 13.52 -15.38 20.32
C VAL A 75 13.15 -16.44 21.35
N LYS A 76 14.13 -17.19 21.83
CA LYS A 76 13.86 -18.22 22.84
C LYS A 76 13.34 -17.60 24.13
N GLN A 77 13.88 -16.44 24.52
CA GLN A 77 13.47 -15.81 25.76
C GLN A 77 12.06 -15.23 25.67
N MET A 78 11.73 -14.59 24.55
CA MET A 78 10.42 -13.98 24.37
C MET A 78 9.32 -15.01 24.21
N THR A 207 10.92 -23.27 4.20
CA THR A 207 11.84 -22.34 4.86
C THR A 207 11.35 -20.90 4.68
N GLY A 208 12.24 -20.04 4.18
CA GLY A 208 11.85 -18.67 3.94
C GLY A 208 11.55 -17.93 5.22
N ILE A 209 10.52 -17.09 5.18
CA ILE A 209 10.17 -16.29 6.35
C ILE A 209 9.68 -17.20 7.46
N VAL A 210 10.07 -16.89 8.69
CA VAL A 210 9.54 -17.57 9.87
C VAL A 210 8.60 -16.60 10.57
N GLU A 211 7.62 -17.15 11.28
CA GLU A 211 6.64 -16.35 12.01
C GLU A 211 6.64 -16.76 13.46
N THR A 212 6.51 -15.79 14.36
CA THR A 212 6.46 -16.03 15.78
C THR A 212 5.25 -15.29 16.36
N HIS A 213 4.58 -15.93 17.31
CA HIS A 213 3.35 -15.41 17.89
C HIS A 213 3.44 -15.55 19.40
N PHE A 214 3.24 -14.44 20.12
CA PHE A 214 3.27 -14.47 21.57
C PHE A 214 2.45 -13.30 22.11
N THR A 215 2.05 -13.42 23.38
CA THR A 215 1.17 -12.46 24.02
C THR A 215 1.76 -12.02 25.35
N PHE A 216 1.42 -10.79 25.74
CA PHE A 216 1.95 -10.20 26.98
C PHE A 216 0.98 -9.12 27.43
N LYS A 217 0.23 -9.41 28.50
CA LYS A 217 -0.77 -8.50 29.05
C LYS A 217 -1.80 -8.09 28.00
N ASP A 218 -2.36 -9.11 27.33
CA ASP A 218 -3.51 -8.97 26.43
C ASP A 218 -3.19 -8.15 25.17
N LEU A 219 -1.99 -8.26 24.64
CA LEU A 219 -1.66 -7.65 23.35
C LEU A 219 -1.00 -8.68 22.44
N HIS A 220 -1.52 -8.81 21.23
CA HIS A 220 -1.03 -9.80 20.28
C HIS A 220 0.20 -9.26 19.55
N PHE A 221 1.28 -10.05 19.56
CA PHE A 221 2.51 -9.72 18.87
C PHE A 221 2.76 -10.75 17.78
N LYS A 222 3.14 -10.28 16.59
CA LYS A 222 3.47 -11.16 15.47
C LYS A 222 4.83 -10.76 14.92
N MET A 223 5.86 -11.50 15.31
CA MET A 223 7.24 -11.19 14.98
C MET A 223 7.66 -12.06 13.80
N PHE A 224 8.07 -11.44 12.70
CA PHE A 224 8.48 -12.14 11.51
C PHE A 224 10.00 -12.12 11.37
N ASP A 225 10.60 -13.29 11.30
CA ASP A 225 12.05 -13.41 11.12
C ASP A 225 12.37 -13.65 9.64
N VAL A 226 13.35 -12.90 9.14
CA VAL A 226 13.65 -12.92 7.71
C VAL A 226 15.14 -13.21 7.55
N GLY A 227 15.73 -13.89 8.54
CA GLY A 227 17.16 -14.15 8.51
C GLY A 227 17.58 -15.07 7.39
N ALA A 228 16.80 -16.14 7.13
CA ALA A 228 17.22 -17.19 6.21
C ALA A 228 17.26 -16.74 4.75
N GLN A 229 16.55 -15.67 4.40
CA GLN A 229 16.49 -15.21 3.01
C GLN A 229 17.83 -14.61 2.62
N ARG A 230 18.64 -15.37 1.89
CA ARG A 230 19.98 -14.96 1.49
C ARG A 230 20.02 -14.31 0.11
N SER A 231 18.86 -13.99 -0.47
CA SER A 231 18.78 -13.28 -1.73
C SER A 231 18.90 -11.78 -1.50
N GLU A 232 18.82 -10.99 -2.57
CA GLU A 232 18.93 -9.55 -2.44
C GLU A 232 17.82 -8.99 -1.56
N ARG A 233 18.16 -7.99 -0.75
CA ARG A 233 17.22 -7.47 0.22
C ARG A 233 16.24 -6.46 -0.38
N LYS A 234 16.69 -5.67 -1.36
CA LYS A 234 15.82 -4.63 -1.91
C LYS A 234 14.61 -5.20 -2.65
N LYS A 235 14.61 -6.49 -2.97
CA LYS A 235 13.54 -7.10 -3.76
C LYS A 235 12.44 -7.70 -2.90
N TRP A 236 12.58 -7.68 -1.58
CA TRP A 236 11.50 -8.13 -0.70
C TRP A 236 11.26 -7.22 0.50
N ILE A 237 12.12 -6.23 0.75
CA ILE A 237 11.98 -5.40 1.95
C ILE A 237 10.73 -4.53 1.87
N HIS A 238 10.32 -4.14 0.66
CA HIS A 238 9.12 -3.30 0.51
C HIS A 238 7.85 -4.01 0.91
N CYS A 239 7.89 -5.34 1.04
CA CYS A 239 6.73 -6.10 1.50
C CYS A 239 6.43 -5.85 2.98
N PHE A 240 7.37 -5.26 3.71
CA PHE A 240 7.29 -5.16 5.15
C PHE A 240 7.05 -3.75 5.65
N GLU A 241 6.79 -2.79 4.76
CA GLU A 241 6.42 -1.46 5.22
C GLU A 241 5.04 -1.54 5.87
N GLY A 242 4.84 -0.72 6.89
CA GLY A 242 3.61 -0.75 7.64
C GLY A 242 3.66 -1.60 8.89
N VAL A 243 4.83 -2.04 9.32
CA VAL A 243 4.98 -2.71 10.59
C VAL A 243 5.16 -1.66 11.68
N THR A 244 4.94 -2.07 12.93
CA THR A 244 4.99 -1.13 14.04
C THR A 244 6.43 -0.72 14.37
N ALA A 245 7.36 -1.66 14.37
CA ALA A 245 8.75 -1.34 14.63
C ALA A 245 9.65 -2.45 14.13
N ILE A 246 10.95 -2.14 14.03
CA ILE A 246 12.01 -3.08 13.68
C ILE A 246 12.74 -3.46 14.95
N ILE A 247 13.22 -4.70 15.02
CA ILE A 247 13.95 -5.21 16.18
C ILE A 247 15.32 -5.68 15.70
N PHE A 248 16.37 -4.93 16.03
CA PHE A 248 17.70 -5.10 15.47
C PHE A 248 18.65 -5.61 16.55
N CYS A 249 19.28 -6.76 16.30
CA CYS A 249 20.12 -7.43 17.28
C CYS A 249 21.61 -7.23 16.97
N VAL A 250 22.39 -6.99 18.02
CA VAL A 250 23.83 -6.81 17.91
C VAL A 250 24.48 -7.55 19.08
N ALA A 251 25.70 -8.02 18.86
CA ALA A 251 26.49 -8.67 19.91
C ALA A 251 27.73 -7.84 20.19
N LEU A 252 27.95 -7.50 21.46
CA LEU A 252 29.05 -6.62 21.82
C LEU A 252 30.38 -7.34 21.95
N SER A 253 30.39 -8.65 22.01
CA SER A 253 31.64 -9.40 22.14
C SER A 253 32.28 -9.69 20.80
N ASP A 254 31.98 -8.90 19.78
CA ASP A 254 32.50 -9.08 18.44
C ASP A 254 33.26 -7.84 17.99
N TYR A 255 34.03 -7.25 18.90
CA TYR A 255 34.88 -6.13 18.54
C TYR A 255 36.31 -6.56 18.27
N ASP A 256 36.62 -7.84 18.43
CA ASP A 256 37.90 -8.42 18.05
C ASP A 256 37.70 -9.74 17.32
N LEU A 257 36.68 -9.79 16.46
CA LEU A 257 36.39 -10.97 15.66
C LEU A 257 36.35 -10.56 14.19
N VAL A 258 36.99 -11.35 13.34
CA VAL A 258 37.10 -11.08 11.92
C VAL A 258 36.20 -12.05 11.16
N LEU A 259 35.57 -11.56 10.10
CA LEU A 259 34.70 -12.39 9.28
C LEU A 259 35.45 -13.61 8.74
N ALA A 260 34.68 -14.60 8.31
CA ALA A 260 35.27 -15.82 7.76
C ALA A 260 35.65 -15.65 6.29
N GLU A 261 34.69 -15.20 5.47
CA GLU A 261 34.95 -15.09 4.04
C GLU A 261 36.01 -14.04 3.74
N ASP A 262 35.95 -12.89 4.41
CA ASP A 262 36.86 -11.79 4.15
C ASP A 262 37.56 -11.40 5.45
N GLU A 263 38.87 -11.23 5.38
CA GLU A 263 39.65 -10.81 6.53
C GLU A 263 39.74 -9.28 6.57
N GLU A 264 40.35 -8.76 7.64
CA GLU A 264 40.60 -7.35 7.88
C GLU A 264 39.31 -6.55 8.09
N MET A 265 38.17 -7.21 8.25
CA MET A 265 36.91 -6.54 8.53
C MET A 265 36.26 -7.23 9.73
N ASN A 266 35.95 -6.46 10.76
CA ASN A 266 35.36 -7.01 11.97
C ASN A 266 33.89 -7.35 11.75
N ARG A 267 33.33 -8.08 12.70
CA ARG A 267 31.88 -8.28 12.75
C ARG A 267 31.19 -7.17 13.53
N MET A 268 31.94 -6.18 14.03
CA MET A 268 31.37 -4.99 14.64
C MET A 268 31.11 -3.92 13.60
N HIS A 269 32.10 -3.62 12.77
CA HIS A 269 31.91 -2.67 11.69
C HIS A 269 30.99 -3.20 10.61
N GLU A 270 30.66 -4.49 10.65
CA GLU A 270 29.76 -5.10 9.68
C GLU A 270 28.30 -5.02 10.12
N SER A 271 28.04 -4.82 11.41
CA SER A 271 26.69 -4.56 11.90
C SER A 271 26.32 -3.09 11.84
N MET A 272 27.31 -2.19 11.92
CA MET A 272 27.11 -0.78 11.69
C MET A 272 26.79 -0.46 10.24
N LYS A 273 26.96 -1.41 9.33
CA LYS A 273 26.59 -1.23 7.95
C LYS A 273 25.20 -1.76 7.64
N LEU A 274 24.63 -2.59 8.51
CA LEU A 274 23.24 -2.99 8.38
C LEU A 274 22.30 -2.12 9.22
N PHE A 275 22.83 -1.37 10.18
CA PHE A 275 22.01 -0.41 10.89
C PHE A 275 21.76 0.83 10.05
N ASP A 276 22.78 1.26 9.28
CA ASP A 276 22.61 2.41 8.41
C ASP A 276 21.54 2.14 7.36
N SER A 277 21.55 0.95 6.76
CA SER A 277 20.65 0.66 5.65
C SER A 277 19.18 0.71 6.09
N ILE A 278 18.87 0.15 7.26
CA ILE A 278 17.48 0.04 7.68
C ILE A 278 17.02 1.30 8.40
N CYS A 279 17.89 1.93 9.18
CA CYS A 279 17.52 3.17 9.86
C CYS A 279 17.23 4.26 8.84
N ASN A 280 18.15 4.48 7.90
CA ASN A 280 18.01 5.51 6.88
C ASN A 280 17.56 4.85 5.59
N ASN A 281 16.27 4.51 5.53
CA ASN A 281 15.68 3.81 4.40
C ASN A 281 14.44 4.55 3.96
N LYS A 282 14.06 4.37 2.69
CA LYS A 282 12.93 5.09 2.12
C LYS A 282 11.59 4.46 2.47
N TRP A 283 11.56 3.20 2.90
CA TRP A 283 10.33 2.53 3.26
C TRP A 283 10.06 2.54 4.76
N PHE A 284 11.01 2.99 5.57
CA PHE A 284 10.90 3.03 7.02
C PHE A 284 11.26 4.40 7.55
N THR A 285 10.73 5.44 6.91
CA THR A 285 11.03 6.81 7.30
C THR A 285 10.29 7.27 8.54
N ASP A 286 9.31 6.49 9.00
CA ASP A 286 8.54 6.85 10.19
C ASP A 286 8.38 5.67 11.14
N THR A 287 9.26 4.68 11.05
CA THR A 287 9.22 3.50 11.89
C THR A 287 10.39 3.55 12.88
N SER A 288 10.10 3.28 14.14
CA SER A 288 11.12 3.32 15.18
C SER A 288 11.86 2.00 15.25
N ILE A 289 13.08 2.05 15.77
CA ILE A 289 13.96 0.89 15.83
C ILE A 289 14.19 0.52 17.29
N ILE A 290 14.12 -0.76 17.59
CA ILE A 290 14.36 -1.29 18.94
C ILE A 290 15.68 -2.06 18.88
N LEU A 291 16.74 -1.46 19.41
CA LEU A 291 18.09 -2.01 19.27
C LEU A 291 18.51 -2.74 20.53
N PHE A 292 18.91 -3.99 20.39
CA PHE A 292 19.41 -4.82 21.48
C PHE A 292 20.90 -4.99 21.35
N LEU A 293 21.61 -4.87 22.48
CA LEU A 293 23.06 -5.05 22.52
C LEU A 293 23.34 -6.25 23.42
N ASN A 294 23.76 -7.36 22.83
CA ASN A 294 23.83 -8.64 23.52
C ASN A 294 25.24 -8.96 23.99
N LYS A 295 25.34 -10.03 24.78
CA LYS A 295 26.61 -10.64 25.19
C LYS A 295 27.50 -9.68 25.97
N LYS A 296 26.91 -8.86 26.84
CA LYS A 296 27.72 -8.06 27.74
C LYS A 296 28.42 -8.90 28.79
N ASP A 297 27.99 -10.16 28.98
CA ASP A 297 28.67 -11.05 29.91
C ASP A 297 30.11 -11.30 29.50
N LEU A 298 30.31 -11.68 28.24
CA LEU A 298 31.65 -11.94 27.71
C LEU A 298 32.37 -10.66 27.31
N PHE A 299 31.66 -9.54 27.16
CA PHE A 299 32.30 -8.30 26.74
C PHE A 299 33.34 -7.83 27.76
N GLU A 300 33.02 -7.90 29.05
CA GLU A 300 33.96 -7.47 30.07
C GLU A 300 35.21 -8.35 30.07
N GLU A 301 35.03 -9.66 29.87
CA GLU A 301 36.16 -10.58 29.89
C GLU A 301 37.17 -10.21 28.82
N LYS A 302 36.71 -9.90 27.62
CA LYS A 302 37.63 -9.59 26.52
C LYS A 302 38.23 -8.20 26.65
N ILE A 303 37.49 -7.26 27.27
CA ILE A 303 37.97 -5.89 27.34
C ILE A 303 38.98 -5.69 28.46
N LYS A 304 39.06 -6.61 29.41
CA LYS A 304 40.10 -6.57 30.42
C LYS A 304 41.43 -7.14 29.93
N LYS A 305 41.41 -7.84 28.79
CA LYS A 305 42.61 -8.42 28.20
C LYS A 305 42.93 -7.84 26.84
N SER A 306 41.95 -7.76 25.94
CA SER A 306 42.17 -7.18 24.62
C SER A 306 41.64 -5.76 24.60
N PRO A 307 42.50 -4.75 24.47
CA PRO A 307 42.03 -3.37 24.56
C PRO A 307 41.06 -3.01 23.44
N LEU A 308 40.17 -2.06 23.74
CA LEU A 308 39.18 -1.59 22.78
C LEU A 308 39.82 -0.85 21.61
N THR A 309 41.10 -0.50 21.70
CA THR A 309 41.78 0.19 20.61
C THR A 309 41.83 -0.67 19.35
N ILE A 310 41.82 -1.99 19.52
CA ILE A 310 41.94 -2.89 18.37
C ILE A 310 40.78 -2.69 17.40
N CYS A 311 39.59 -2.46 17.93
CA CYS A 311 38.43 -2.15 17.10
C CYS A 311 38.30 -0.66 16.85
N TYR A 312 38.32 0.15 17.91
CA TYR A 312 38.11 1.58 17.79
C TYR A 312 39.41 2.31 18.09
N PRO A 313 40.11 2.82 17.08
CA PRO A 313 41.33 3.60 17.34
C PRO A 313 41.08 5.02 17.83
N GLU A 314 39.81 5.39 18.04
CA GLU A 314 39.45 6.70 18.55
C GLU A 314 38.60 6.60 19.81
N TYR A 315 38.64 5.47 20.50
CA TYR A 315 37.90 5.26 21.75
C TYR A 315 38.81 5.35 22.96
N ALA A 316 39.78 6.27 22.92
CA ALA A 316 40.71 6.46 24.03
C ALA A 316 39.95 6.79 25.31
N GLY A 317 40.02 5.86 26.27
CA GLY A 317 39.34 6.00 27.54
C GLY A 317 39.56 4.77 28.39
N SER A 318 39.40 4.90 29.70
CA SER A 318 39.65 3.78 30.60
C SER A 318 38.68 2.63 30.31
N ASN A 319 39.23 1.43 30.19
CA ASN A 319 38.41 0.25 29.94
C ASN A 319 37.69 -0.18 31.21
N THR A 320 36.46 -0.65 31.07
CA THR A 320 35.64 -1.08 32.19
C THR A 320 34.42 -1.79 31.62
N TYR A 321 33.52 -2.21 32.52
CA TYR A 321 32.32 -2.90 32.09
C TYR A 321 31.28 -1.94 31.50
N GLU A 322 31.19 -0.73 32.03
CA GLU A 322 30.15 0.21 31.62
C GLU A 322 30.72 1.61 31.43
N GLU A 323 31.92 1.71 30.86
CA GLU A 323 32.44 2.97 30.34
C GLU A 323 32.71 2.90 28.85
N ALA A 324 33.38 1.84 28.39
CA ALA A 324 33.56 1.60 26.98
C ALA A 324 32.40 0.83 26.36
N ALA A 325 31.48 0.30 27.17
CA ALA A 325 30.27 -0.33 26.67
C ALA A 325 29.09 0.63 26.58
N ALA A 326 29.30 1.90 26.93
CA ALA A 326 28.36 2.96 26.63
C ALA A 326 28.87 3.91 25.55
N TYR A 327 30.16 3.83 25.22
CA TYR A 327 30.69 4.50 24.03
C TYR A 327 30.16 3.87 22.76
N ILE A 328 29.72 2.61 22.82
CA ILE A 328 29.24 1.91 21.63
C ILE A 328 27.79 2.25 21.30
N GLN A 329 26.98 2.62 22.30
CA GLN A 329 25.63 3.11 22.00
C GLN A 329 25.69 4.38 21.17
N CYS A 330 26.64 5.27 21.47
CA CYS A 330 26.73 6.53 20.73
C CYS A 330 27.05 6.28 19.26
N GLN A 331 27.98 5.38 18.97
CA GLN A 331 28.34 5.10 17.58
C GLN A 331 27.18 4.50 16.80
N PHE A 332 26.20 3.92 17.50
CA PHE A 332 25.05 3.30 16.85
C PHE A 332 23.82 4.20 16.79
N GLU A 333 23.76 5.23 17.63
CA GLU A 333 22.69 6.20 17.57
C GLU A 333 23.08 7.45 16.80
N ASP A 334 24.37 7.65 16.53
CA ASP A 334 24.80 8.71 15.63
C ASP A 334 24.49 8.37 14.18
N LEU A 335 24.43 7.07 13.86
CA LEU A 335 24.10 6.65 12.51
C LEU A 335 22.73 7.13 12.09
N ASN A 336 21.82 7.30 13.04
CA ASN A 336 20.49 7.80 12.74
C ASN A 336 20.58 9.18 12.11
N LYS A 337 19.99 9.33 10.92
CA LYS A 337 19.93 10.63 10.26
C LYS A 337 18.55 11.25 10.29
N ARG A 338 17.51 10.48 10.61
CA ARG A 338 16.16 11.01 10.78
C ARG A 338 15.92 11.33 12.26
N LYS A 339 16.67 12.30 12.74
CA LYS A 339 16.68 12.63 14.17
C LYS A 339 15.41 13.29 14.65
N ASP A 340 14.36 13.41 13.83
CA ASP A 340 13.10 13.97 14.28
C ASP A 340 11.88 13.13 13.94
N THR A 341 11.96 12.25 12.94
CA THR A 341 10.82 11.45 12.54
C THR A 341 10.78 10.09 13.23
N LYS A 342 11.88 9.65 13.84
CA LYS A 342 11.94 8.34 14.46
C LYS A 342 12.85 8.40 15.68
N GLU A 343 12.75 7.38 16.52
CA GLU A 343 13.58 7.27 17.71
C GLU A 343 14.06 5.83 17.86
N ILE A 344 15.28 5.69 18.37
CA ILE A 344 15.92 4.39 18.59
C ILE A 344 15.88 4.08 20.08
N TYR A 345 15.33 2.93 20.42
CA TYR A 345 15.21 2.51 21.82
C TYR A 345 16.24 1.40 22.07
N THR A 346 17.36 1.76 22.66
CA THR A 346 18.47 0.84 22.83
C THR A 346 18.38 0.10 24.15
N HIS A 347 18.79 -1.17 24.14
CA HIS A 347 18.69 -2.01 25.32
C HIS A 347 19.96 -2.83 25.47
N PHE A 348 20.13 -3.41 26.67
CA PHE A 348 21.27 -4.24 27.02
C PHE A 348 20.75 -5.59 27.51
N THR A 349 20.52 -6.52 26.60
CA THR A 349 20.06 -7.84 26.98
C THR A 349 21.25 -8.67 27.45
N LYS A 355 13.47 -8.80 31.75
CA LYS A 355 13.14 -7.43 31.40
C LYS A 355 13.40 -7.14 29.94
N ASN A 356 13.50 -8.20 29.13
CA ASN A 356 13.69 -8.07 27.70
C ASN A 356 12.39 -8.15 26.91
N VAL A 357 11.39 -8.84 27.43
CA VAL A 357 10.05 -8.81 26.85
C VAL A 357 9.22 -7.67 27.41
N GLN A 358 9.74 -6.95 28.40
CA GLN A 358 9.13 -5.73 28.89
C GLN A 358 9.57 -4.52 28.09
N PHE A 359 10.85 -4.45 27.75
CA PHE A 359 11.37 -3.31 27.01
C PHE A 359 10.66 -3.13 25.67
N VAL A 360 10.28 -4.23 25.03
CA VAL A 360 9.58 -4.13 23.76
C VAL A 360 8.16 -3.63 23.98
N PHE A 361 7.49 -4.14 25.00
CA PHE A 361 6.12 -3.71 25.32
C PHE A 361 6.08 -2.28 25.86
N ASP A 362 7.10 -1.86 26.62
CA ASP A 362 7.20 -0.47 27.03
C ASP A 362 7.37 0.46 25.84
N ALA A 363 8.22 0.06 24.89
CA ALA A 363 8.54 0.89 23.74
C ALA A 363 7.51 0.81 22.64
N VAL A 364 6.60 -0.16 22.68
CA VAL A 364 5.56 -0.25 21.66
C VAL A 364 4.36 0.63 22.02
N THR A 365 3.97 0.65 23.30
CA THR A 365 2.90 1.56 23.72
C THR A 365 3.28 3.02 23.54
N ASP A 366 4.57 3.32 23.54
CA ASP A 366 5.05 4.68 23.29
C ASP A 366 5.07 5.03 21.82
N VAL A 367 4.96 4.04 20.93
CA VAL A 367 4.93 4.27 19.49
C VAL A 367 3.47 4.41 19.07
N ILE A 368 2.59 3.64 19.71
CA ILE A 368 1.16 3.75 19.45
C ILE A 368 0.60 5.05 20.01
N ILE A 369 1.07 5.48 21.19
CA ILE A 369 0.59 6.70 21.79
C ILE A 369 0.95 7.90 20.92
N LYS A 370 2.16 7.93 20.40
CA LYS A 370 2.56 9.04 19.57
C LYS A 370 1.95 9.00 18.17
N ASN A 371 1.28 7.90 17.82
CA ASN A 371 0.53 7.81 16.58
C ASN A 371 -0.87 8.39 16.72
N ASN A 372 -1.59 7.97 17.76
CA ASN A 372 -2.89 8.57 18.07
C ASN A 372 -2.76 10.05 18.38
N LEU A 373 -1.72 10.42 19.13
CA LEU A 373 -1.46 11.81 19.45
C LEU A 373 -1.11 12.62 18.21
N LYS A 374 -0.82 11.97 17.08
CA LYS A 374 -0.59 12.64 15.81
C LYS A 374 -1.85 12.72 14.96
N ASP A 375 -2.85 11.88 15.23
CA ASP A 375 -4.15 12.02 14.58
C ASP A 375 -4.85 13.30 15.02
N CYS A 376 -4.51 13.81 16.22
CA CYS A 376 -5.06 15.05 16.72
C CYS A 376 -4.26 16.27 16.30
N GLY A 377 -3.10 16.09 15.68
CA GLY A 377 -2.28 17.21 15.25
C GLY A 377 -1.35 17.77 16.31
N LEU A 378 -1.20 17.10 17.45
CA LEU A 378 -0.39 17.59 18.55
C LEU A 378 1.07 17.20 18.45
N PHE A 379 1.48 16.55 17.36
CA PHE A 379 2.86 16.13 17.22
C PHE A 379 3.39 16.48 15.83
N GLU B 2 44.40 -24.09 -16.54
CA GLU B 2 44.89 -22.79 -16.07
C GLU B 2 43.76 -21.77 -16.06
N LEU B 3 43.76 -20.90 -15.05
CA LEU B 3 42.72 -19.87 -14.95
C LEU B 3 42.81 -18.90 -16.12
N ASP B 4 44.02 -18.52 -16.53
CA ASP B 4 44.17 -17.63 -17.67
C ASP B 4 43.65 -18.28 -18.95
N GLN B 5 43.90 -19.58 -19.12
CA GLN B 5 43.38 -20.29 -20.29
C GLN B 5 41.86 -20.28 -20.33
N LEU B 6 41.23 -20.48 -19.18
CA LEU B 6 39.78 -20.37 -19.10
C LEU B 6 39.31 -18.95 -19.43
N ARG B 7 40.01 -17.94 -18.89
CA ARG B 7 39.64 -16.56 -19.18
C ARG B 7 39.93 -16.19 -20.63
N GLN B 8 41.09 -16.60 -21.15
CA GLN B 8 41.45 -16.26 -22.52
C GLN B 8 40.48 -16.88 -23.51
N GLU B 9 40.10 -18.13 -23.30
CA GLU B 9 39.10 -18.76 -24.17
C GLU B 9 37.75 -18.07 -24.05
N ALA B 10 37.35 -17.72 -22.83
CA ALA B 10 36.07 -17.04 -22.64
C ALA B 10 36.09 -15.64 -23.25
N GLU B 11 37.19 -14.90 -23.07
CA GLU B 11 37.27 -13.54 -23.61
C GLU B 11 37.19 -13.54 -25.13
N GLN B 12 37.86 -14.50 -25.77
CA GLN B 12 37.82 -14.57 -27.22
C GLN B 12 36.42 -14.92 -27.73
N LEU B 13 35.73 -15.84 -27.06
CA LEU B 13 34.40 -16.22 -27.49
C LEU B 13 33.41 -15.07 -27.33
N LYS B 14 33.63 -14.20 -26.34
CA LYS B 14 32.75 -13.04 -26.16
C LYS B 14 32.84 -12.09 -27.35
N ASN B 15 34.05 -11.85 -27.86
CA ASN B 15 34.20 -10.98 -29.03
C ASN B 15 33.60 -11.61 -30.27
N GLN B 16 33.77 -12.93 -30.43
CA GLN B 16 33.25 -13.61 -31.61
C GLN B 16 31.72 -13.55 -31.66
N ILE B 17 31.07 -13.69 -30.50
CA ILE B 17 29.61 -13.58 -30.46
C ILE B 17 29.15 -12.19 -30.87
N ARG B 18 29.83 -11.15 -30.35
CA ARG B 18 29.40 -9.79 -30.63
C ARG B 18 29.51 -9.46 -32.12
N ASP B 19 30.60 -9.88 -32.77
CA ASP B 19 30.79 -9.55 -34.17
C ASP B 19 29.80 -10.27 -35.08
N ALA B 20 29.41 -11.49 -34.71
CA ALA B 20 28.38 -12.19 -35.47
C ALA B 20 27.04 -11.47 -35.36
N ARG B 21 26.74 -10.88 -34.21
CA ARG B 21 25.54 -10.07 -34.06
C ARG B 21 25.63 -8.83 -34.94
N LYS B 22 26.81 -8.21 -35.03
CA LYS B 22 26.94 -7.00 -35.83
C LYS B 22 26.82 -7.28 -37.32
N ALA B 23 27.29 -8.46 -37.75
CA ALA B 23 27.15 -8.84 -39.16
C ALA B 23 25.69 -8.98 -39.57
N CYS B 24 24.80 -9.24 -38.61
CA CYS B 24 23.38 -9.37 -38.89
C CYS B 24 22.65 -8.03 -38.89
N ALA B 25 23.31 -6.95 -38.49
CA ALA B 25 22.69 -5.64 -38.44
C ALA B 25 22.57 -5.09 -39.86
N ASP B 26 21.34 -4.99 -40.35
CA ASP B 26 21.05 -4.48 -41.68
C ASP B 26 20.36 -3.12 -41.66
N ALA B 27 19.26 -3.01 -40.91
CA ALA B 27 18.51 -1.77 -40.80
C ALA B 27 17.59 -1.85 -39.59
N THR B 28 17.54 -0.77 -38.82
CA THR B 28 16.69 -0.72 -37.65
C THR B 28 15.21 -0.66 -38.05
N LEU B 29 14.35 -0.95 -37.08
CA LEU B 29 12.90 -0.90 -37.31
C LEU B 29 12.41 0.51 -37.59
N SER B 30 13.21 1.53 -37.30
CA SER B 30 12.83 2.90 -37.65
C SER B 30 12.89 3.16 -39.14
N GLN B 31 13.44 2.24 -39.92
CA GLN B 31 13.50 2.36 -41.37
C GLN B 31 12.54 1.43 -42.08
N ILE B 32 12.52 0.14 -41.70
CA ILE B 32 11.64 -0.82 -42.35
C ILE B 32 10.17 -0.48 -42.07
N THR B 33 9.89 0.02 -40.87
CA THR B 33 8.53 0.37 -40.45
C THR B 33 8.32 1.88 -40.44
N ASN B 34 9.10 2.62 -41.24
CA ASN B 34 9.00 4.08 -41.22
C ASN B 34 7.73 4.57 -41.92
N ASN B 35 7.35 3.93 -43.02
CA ASN B 35 6.19 4.36 -43.80
C ASN B 35 4.94 3.55 -43.50
N ILE B 36 4.76 3.16 -42.25
CA ILE B 36 3.58 2.43 -41.83
C ILE B 36 2.59 3.43 -41.24
N ASP B 37 1.32 3.04 -41.21
CA ASP B 37 0.27 3.95 -40.73
C ASP B 37 0.26 3.97 -39.20
N PRO B 38 0.29 5.15 -38.58
CA PRO B 38 0.21 5.23 -37.12
C PRO B 38 -1.08 4.64 -36.59
N VAL B 39 -1.01 4.03 -35.40
CA VAL B 39 -2.20 3.49 -34.76
C VAL B 39 -3.19 4.60 -34.46
N GLY B 40 -2.69 5.78 -34.08
CA GLY B 40 -3.56 6.90 -33.78
C GLY B 40 -3.48 7.31 -32.33
N ARG B 41 -4.61 7.27 -31.63
CA ARG B 41 -4.65 7.61 -30.20
C ARG B 41 -5.68 6.68 -29.55
N ILE B 42 -5.19 5.63 -28.91
CA ILE B 42 -6.07 4.69 -28.23
C ILE B 42 -6.65 5.38 -27.00
N GLN B 43 -7.93 5.12 -26.74
CA GLN B 43 -8.63 5.72 -25.60
C GLN B 43 -9.50 4.63 -24.97
N MET B 44 -8.96 3.97 -23.95
CA MET B 44 -9.69 2.98 -23.18
C MET B 44 -10.36 3.62 -21.98
N ARG B 45 -11.39 2.97 -21.47
CA ARG B 45 -12.11 3.46 -20.30
C ARG B 45 -12.45 2.28 -19.41
N THR B 46 -12.32 2.48 -18.10
CA THR B 46 -12.58 1.40 -17.16
C THR B 46 -14.07 1.04 -17.17
N ARG B 47 -14.38 -0.18 -17.62
CA ARG B 47 -15.75 -0.65 -17.59
C ARG B 47 -16.14 -1.13 -16.20
N ARG B 48 -15.44 -2.15 -15.70
CA ARG B 48 -15.71 -2.68 -14.37
C ARG B 48 -14.64 -2.23 -13.39
N THR B 49 -14.86 -2.56 -12.13
CA THR B 49 -13.89 -2.29 -11.06
C THR B 49 -14.22 -3.25 -9.92
N LEU B 50 -13.25 -4.06 -9.52
CA LEU B 50 -13.48 -5.16 -8.60
C LEU B 50 -12.93 -4.81 -7.23
N ARG B 51 -13.83 -4.69 -6.26
CA ARG B 51 -13.50 -4.32 -4.88
C ARG B 51 -13.61 -5.55 -3.99
N GLY B 52 -12.80 -5.57 -2.93
CA GLY B 52 -12.83 -6.70 -2.03
C GLY B 52 -11.50 -7.10 -1.42
N HIS B 53 -10.39 -6.80 -2.09
CA HIS B 53 -9.09 -6.96 -1.45
C HIS B 53 -8.88 -5.83 -0.46
N LEU B 54 -8.35 -6.16 0.71
CA LEU B 54 -8.11 -5.17 1.76
C LEU B 54 -6.65 -4.85 1.96
N ALA B 55 -5.80 -5.16 0.98
CA ALA B 55 -4.38 -4.82 1.05
C ALA B 55 -3.86 -4.70 -0.38
N LYS B 56 -2.54 -4.58 -0.52
CA LYS B 56 -1.93 -4.48 -1.84
C LYS B 56 -2.29 -5.70 -2.70
N ILE B 57 -2.11 -5.54 -4.01
CA ILE B 57 -2.34 -6.63 -4.95
C ILE B 57 -1.04 -6.85 -5.70
N TYR B 58 -0.55 -8.08 -5.68
CA TYR B 58 0.74 -8.41 -6.27
C TYR B 58 0.64 -9.15 -7.58
N ALA B 59 -0.39 -9.96 -7.79
CA ALA B 59 -0.46 -10.76 -9.00
C ALA B 59 -1.91 -11.04 -9.36
N MET B 60 -2.11 -11.50 -10.59
CA MET B 60 -3.41 -11.88 -11.15
C MET B 60 -3.15 -12.85 -12.29
N HIS B 61 -4.21 -13.45 -12.80
CA HIS B 61 -4.09 -14.23 -14.03
C HIS B 61 -5.47 -14.54 -14.58
N TRP B 62 -5.62 -14.39 -15.89
CA TRP B 62 -6.86 -14.68 -16.59
C TRP B 62 -7.14 -16.18 -16.57
N GLY B 63 -8.23 -16.57 -17.24
CA GLY B 63 -8.49 -17.95 -17.53
C GLY B 63 -8.57 -18.13 -19.03
N THR B 64 -8.43 -19.35 -19.53
CA THR B 64 -8.64 -19.59 -20.95
C THR B 64 -10.10 -19.39 -21.34
N ASP B 65 -10.99 -19.29 -20.36
CA ASP B 65 -12.40 -19.03 -20.59
C ASP B 65 -12.62 -17.64 -21.18
N SER B 66 -11.73 -16.70 -20.85
CA SER B 66 -11.82 -15.27 -21.16
C SER B 66 -12.88 -14.56 -20.34
N ARG B 67 -13.35 -15.18 -19.25
CA ARG B 67 -14.41 -14.64 -18.43
C ARG B 67 -14.13 -14.77 -16.94
N LEU B 68 -13.16 -15.58 -16.54
CA LEU B 68 -12.84 -15.80 -15.14
C LEU B 68 -11.38 -15.44 -14.91
N LEU B 69 -11.09 -14.80 -13.77
CA LEU B 69 -9.71 -14.46 -13.42
C LEU B 69 -9.44 -14.84 -11.97
N VAL B 70 -8.21 -14.61 -11.54
CA VAL B 70 -7.75 -14.88 -10.18
C VAL B 70 -6.80 -13.75 -9.79
N SER B 71 -6.70 -13.51 -8.48
CA SER B 71 -5.85 -12.46 -7.94
C SER B 71 -5.27 -12.89 -6.60
N ALA B 72 -4.21 -12.22 -6.20
CA ALA B 72 -3.53 -12.46 -4.93
C ALA B 72 -3.20 -11.14 -4.28
N SER B 73 -3.13 -11.16 -2.94
CA SER B 73 -3.02 -9.94 -2.17
C SER B 73 -2.25 -10.22 -0.89
N GLN B 74 -1.78 -9.15 -0.26
CA GLN B 74 -1.17 -9.28 1.06
C GLN B 74 -2.20 -9.53 2.14
N ASP B 75 -3.48 -9.46 1.81
CA ASP B 75 -4.53 -9.86 2.74
C ASP B 75 -4.57 -11.37 2.98
N GLY B 76 -3.64 -12.12 2.39
CA GLY B 76 -3.66 -13.57 2.54
C GLY B 76 -4.89 -14.21 1.93
N LYS B 77 -5.37 -13.68 0.81
CA LYS B 77 -6.61 -14.12 0.20
C LYS B 77 -6.42 -14.20 -1.31
N LEU B 78 -6.87 -15.31 -1.90
CA LEU B 78 -6.82 -15.49 -3.35
C LEU B 78 -8.23 -15.72 -3.87
N ILE B 79 -8.74 -14.77 -4.66
CA ILE B 79 -10.14 -14.72 -5.04
C ILE B 79 -10.27 -15.01 -6.52
N ILE B 80 -11.23 -15.85 -6.88
CA ILE B 80 -11.59 -16.11 -8.27
C ILE B 80 -12.85 -15.34 -8.57
N TRP B 81 -12.75 -14.30 -9.40
CA TRP B 81 -13.87 -13.43 -9.66
C TRP B 81 -14.68 -13.93 -10.85
N ASP B 82 -15.65 -13.12 -11.28
CA ASP B 82 -16.30 -13.27 -12.58
C ASP B 82 -16.42 -11.86 -13.17
N SER B 83 -15.79 -11.63 -14.31
CA SER B 83 -15.65 -10.26 -14.78
C SER B 83 -16.97 -9.71 -15.31
N TYR B 84 -17.84 -10.56 -15.84
CA TYR B 84 -19.11 -10.08 -16.39
C TYR B 84 -20.00 -9.49 -15.30
N THR B 85 -20.07 -10.17 -14.15
CA THR B 85 -20.99 -9.80 -13.08
C THR B 85 -20.29 -9.39 -11.79
N THR B 86 -18.96 -9.27 -11.81
CA THR B 86 -18.17 -8.83 -10.66
C THR B 86 -18.41 -9.75 -9.46
N ASN B 87 -18.68 -11.03 -9.71
CA ASN B 87 -19.01 -11.98 -8.65
C ASN B 87 -17.75 -12.70 -8.18
N LYS B 88 -17.73 -13.02 -6.89
CA LYS B 88 -16.69 -13.89 -6.35
C LYS B 88 -17.12 -15.33 -6.53
N VAL B 89 -16.50 -16.04 -7.47
CA VAL B 89 -16.83 -17.45 -7.67
C VAL B 89 -16.31 -18.28 -6.49
N HIS B 90 -15.07 -18.02 -6.07
CA HIS B 90 -14.49 -18.67 -4.91
C HIS B 90 -13.70 -17.62 -4.13
N ALA B 91 -13.22 -18.03 -2.97
CA ALA B 91 -12.16 -17.33 -2.26
C ALA B 91 -11.38 -18.38 -1.48
N ILE B 92 -10.05 -18.25 -1.48
CA ILE B 92 -9.18 -19.28 -0.92
C ILE B 92 -8.33 -18.70 0.19
N PRO B 93 -8.33 -19.30 1.38
CA PRO B 93 -7.43 -18.84 2.45
C PRO B 93 -6.02 -19.35 2.20
N LEU B 94 -5.06 -18.44 2.18
CA LEU B 94 -3.66 -18.81 2.00
C LEU B 94 -3.01 -19.11 3.33
N ARG B 95 -2.28 -20.23 3.39
CA ARG B 95 -1.53 -20.58 4.58
C ARG B 95 -0.42 -19.57 4.87
N SER B 96 0.02 -18.82 3.86
CA SER B 96 1.04 -17.79 4.03
C SER B 96 0.57 -16.48 3.41
N SER B 97 0.96 -15.38 4.04
CA SER B 97 0.51 -14.05 3.64
C SER B 97 1.41 -13.36 2.64
N TRP B 98 2.58 -13.92 2.32
CA TRP B 98 3.61 -13.23 1.56
C TRP B 98 3.63 -13.69 0.12
N VAL B 99 2.43 -13.93 -0.44
CA VAL B 99 2.25 -14.37 -1.81
C VAL B 99 2.90 -13.39 -2.76
N MET B 100 3.47 -13.90 -3.86
CA MET B 100 3.96 -13.06 -4.92
C MET B 100 3.43 -13.44 -6.29
N THR B 101 2.80 -14.61 -6.44
CA THR B 101 2.31 -15.06 -7.74
C THR B 101 1.05 -15.89 -7.59
N CYS B 102 0.37 -16.07 -8.73
CA CYS B 102 -0.83 -16.86 -8.88
C CYS B 102 -0.60 -17.84 -10.02
N ALA B 103 -1.66 -18.53 -10.45
CA ALA B 103 -1.71 -19.17 -11.76
C ALA B 103 -3.12 -19.73 -11.95
N TYR B 104 -3.36 -20.23 -13.15
CA TYR B 104 -4.66 -20.75 -13.57
C TYR B 104 -4.35 -21.82 -14.61
N ALA B 105 -4.81 -23.03 -14.38
CA ALA B 105 -4.49 -24.11 -15.31
C ALA B 105 -5.14 -23.85 -16.66
N PRO B 106 -4.48 -24.22 -17.76
CA PRO B 106 -5.16 -24.18 -19.07
C PRO B 106 -6.43 -25.03 -19.11
N SER B 107 -6.48 -26.14 -18.37
CA SER B 107 -7.74 -26.85 -18.18
C SER B 107 -8.69 -26.06 -17.30
N GLY B 108 -8.18 -25.36 -16.30
CA GLY B 108 -8.99 -24.54 -15.44
C GLY B 108 -9.62 -25.26 -14.26
N ASN B 109 -8.97 -26.30 -13.73
CA ASN B 109 -9.50 -27.09 -12.63
C ASN B 109 -8.74 -26.90 -11.33
N TYR B 110 -7.78 -25.99 -11.28
CA TYR B 110 -6.92 -25.77 -10.12
C TYR B 110 -6.03 -24.56 -10.35
N VAL B 111 -5.50 -24.02 -9.25
CA VAL B 111 -4.67 -22.83 -9.30
C VAL B 111 -3.40 -23.08 -8.49
N ALA B 112 -2.43 -22.21 -8.68
CA ALA B 112 -1.11 -22.30 -8.07
C ALA B 112 -0.81 -21.01 -7.33
N CYS B 113 -0.04 -21.11 -6.26
CA CYS B 113 0.25 -19.94 -5.45
C CYS B 113 1.57 -20.17 -4.74
N GLY B 114 2.21 -19.08 -4.34
CA GLY B 114 3.46 -19.20 -3.61
C GLY B 114 4.03 -17.83 -3.34
N GLY B 115 5.01 -17.80 -2.44
CA GLY B 115 5.59 -16.53 -2.05
C GLY B 115 6.96 -16.64 -1.44
N LEU B 116 7.23 -15.83 -0.41
CA LEU B 116 8.48 -15.94 0.34
C LEU B 116 8.58 -17.25 1.11
N ASP B 117 7.62 -18.16 0.95
CA ASP B 117 7.61 -19.43 1.67
C ASP B 117 8.73 -20.34 1.22
N ASN B 118 9.13 -20.23 -0.04
CA ASN B 118 9.98 -21.14 -0.80
C ASN B 118 9.22 -22.36 -1.31
N ILE B 119 7.88 -22.39 -1.24
CA ILE B 119 7.08 -23.51 -1.69
C ILE B 119 5.97 -23.02 -2.58
N CYS B 120 5.41 -23.94 -3.37
CA CYS B 120 4.36 -23.65 -4.36
C CYS B 120 3.18 -24.57 -4.13
N SER B 121 2.04 -23.99 -3.76
CA SER B 121 0.86 -24.75 -3.36
C SER B 121 -0.12 -24.84 -4.52
N ILE B 122 -0.73 -26.01 -4.70
CA ILE B 122 -1.66 -26.27 -5.80
C ILE B 122 -3.01 -26.63 -5.20
N TYR B 123 -3.99 -25.73 -5.35
CA TYR B 123 -5.36 -25.90 -4.87
C TYR B 123 -6.26 -26.36 -6.01
N ASN B 124 -7.24 -27.20 -5.69
CA ASN B 124 -8.12 -27.83 -6.67
C ASN B 124 -9.43 -27.08 -6.78
N LEU B 125 -9.79 -26.66 -8.00
CA LEU B 125 -10.98 -25.85 -8.26
C LEU B 125 -12.22 -26.67 -8.57
N LYS B 126 -12.11 -28.00 -8.56
CA LYS B 126 -13.27 -28.87 -8.78
C LYS B 126 -13.01 -30.14 -7.97
N THR B 127 -13.52 -30.17 -6.75
CA THR B 127 -13.33 -31.31 -5.86
C THR B 127 -14.41 -32.37 -6.01
N ARG B 128 -15.48 -32.09 -6.75
CA ARG B 128 -16.62 -32.97 -7.01
C ARG B 128 -17.44 -33.23 -5.76
N GLU B 129 -17.04 -32.72 -4.59
CA GLU B 129 -17.79 -32.95 -3.36
C GLU B 129 -17.95 -31.72 -2.48
N GLY B 130 -17.28 -30.61 -2.78
CA GLY B 130 -17.41 -29.43 -1.94
C GLY B 130 -16.51 -28.29 -2.36
N ASN B 131 -15.82 -27.69 -1.38
CA ASN B 131 -14.99 -26.53 -1.62
C ASN B 131 -13.64 -26.95 -2.20
N VAL B 132 -12.71 -26.01 -2.25
CA VAL B 132 -11.37 -26.25 -2.78
C VAL B 132 -10.48 -26.82 -1.69
N ARG B 133 -9.65 -27.78 -2.07
CA ARG B 133 -8.66 -28.38 -1.20
C ARG B 133 -7.26 -27.93 -1.59
N VAL B 134 -6.25 -28.48 -0.94
CA VAL B 134 -4.86 -28.24 -1.26
C VAL B 134 -4.28 -29.59 -1.67
N SER B 135 -4.22 -29.85 -2.96
CA SER B 135 -3.99 -31.21 -3.46
C SER B 135 -2.55 -31.45 -3.89
N ARG B 136 -1.63 -30.57 -3.57
CA ARG B 136 -0.21 -30.83 -3.88
C ARG B 136 0.65 -29.93 -3.01
N GLU B 137 1.96 -30.11 -3.14
CA GLU B 137 2.94 -29.21 -2.55
C GLU B 137 4.26 -29.41 -3.28
N LEU B 138 4.83 -28.32 -3.78
CA LEU B 138 6.05 -28.39 -4.57
C LEU B 138 7.13 -27.58 -3.86
N ALA B 139 7.94 -28.27 -3.05
CA ALA B 139 9.08 -27.69 -2.37
C ALA B 139 10.38 -28.20 -2.98
N GLY B 140 11.43 -27.40 -2.84
CA GLY B 140 12.67 -27.68 -3.55
C GLY B 140 13.42 -26.44 -4.00
N HIS B 141 12.87 -25.26 -3.72
CA HIS B 141 13.59 -24.01 -3.91
C HIS B 141 14.12 -23.53 -2.57
N THR B 142 15.18 -22.72 -2.62
CA THR B 142 15.83 -22.20 -1.43
C THR B 142 15.81 -20.68 -1.40
N GLY B 143 14.85 -20.08 -2.11
CA GLY B 143 14.65 -18.65 -2.13
C GLY B 143 13.21 -18.38 -2.46
N TYR B 144 12.83 -17.11 -2.43
CA TYR B 144 11.43 -16.76 -2.63
C TYR B 144 10.98 -17.11 -4.04
N LEU B 145 9.71 -17.49 -4.17
CA LEU B 145 9.12 -17.76 -5.47
C LEU B 145 8.71 -16.45 -6.14
N SER B 146 9.32 -16.16 -7.28
CA SER B 146 8.96 -14.95 -8.02
C SER B 146 7.98 -15.20 -9.15
N CYS B 147 7.80 -16.44 -9.58
CA CYS B 147 6.93 -16.72 -10.72
C CYS B 147 6.64 -18.22 -10.75
N CYS B 148 5.53 -18.57 -11.39
CA CYS B 148 5.15 -19.94 -11.66
C CYS B 148 4.17 -19.93 -12.82
N ARG B 149 4.22 -20.98 -13.64
CA ARG B 149 3.34 -21.09 -14.80
C ARG B 149 3.02 -22.56 -15.04
N PHE B 150 1.79 -22.81 -15.47
CA PHE B 150 1.37 -24.17 -15.82
C PHE B 150 1.78 -24.46 -17.25
N LEU B 151 2.47 -25.58 -17.46
CA LEU B 151 2.88 -25.97 -18.79
C LEU B 151 1.86 -26.85 -19.48
N ASP B 152 0.94 -27.42 -18.71
CA ASP B 152 0.00 -28.42 -19.17
C ASP B 152 -0.91 -28.74 -18.00
N ASP B 153 -1.85 -29.66 -18.18
CA ASP B 153 -2.67 -30.08 -17.06
C ASP B 153 -1.87 -30.84 -16.00
N ASN B 154 -0.64 -31.25 -16.29
CA ASN B 154 0.10 -32.09 -15.35
C ASN B 154 1.56 -31.67 -15.23
N GLN B 155 1.87 -30.42 -15.54
CA GLN B 155 3.22 -29.89 -15.35
C GLN B 155 3.12 -28.45 -14.89
N ILE B 156 4.17 -27.96 -14.25
CA ILE B 156 4.28 -26.56 -13.86
C ILE B 156 5.75 -26.18 -13.84
N VAL B 157 6.06 -24.97 -14.30
CA VAL B 157 7.41 -24.43 -14.27
C VAL B 157 7.43 -23.22 -13.36
N THR B 158 8.40 -23.16 -12.44
CA THR B 158 8.44 -22.15 -11.40
C THR B 158 9.80 -21.47 -11.40
N SER B 159 9.82 -20.24 -10.90
CA SER B 159 10.97 -19.37 -10.82
C SER B 159 11.21 -18.99 -9.37
N SER B 160 12.48 -18.79 -9.00
CA SER B 160 12.77 -18.47 -7.60
C SER B 160 14.01 -17.59 -7.50
N GLY B 161 14.13 -16.95 -6.35
CA GLY B 161 15.21 -16.05 -6.00
C GLY B 161 16.52 -16.71 -5.59
N ASP B 162 16.59 -18.03 -5.60
CA ASP B 162 17.84 -18.75 -5.45
C ASP B 162 18.57 -18.93 -6.77
N THR B 163 18.28 -18.08 -7.76
CA THR B 163 18.95 -18.03 -9.07
C THR B 163 18.64 -19.27 -9.93
N THR B 164 17.42 -19.79 -9.85
CA THR B 164 17.15 -21.04 -10.56
C THR B 164 15.68 -21.17 -10.94
N CYS B 165 15.44 -21.66 -12.16
CA CYS B 165 14.14 -22.07 -12.66
C CYS B 165 14.08 -23.59 -12.68
N ALA B 166 12.90 -24.14 -12.38
CA ALA B 166 12.75 -25.58 -12.30
C ALA B 166 11.43 -26.02 -12.92
N LEU B 167 11.46 -27.15 -13.60
CA LEU B 167 10.29 -27.73 -14.27
C LEU B 167 9.84 -28.93 -13.46
N TRP B 168 8.65 -28.83 -12.89
CA TRP B 168 8.13 -29.90 -12.03
C TRP B 168 7.24 -30.82 -12.86
N ASP B 169 6.62 -31.78 -12.19
CA ASP B 169 5.66 -32.68 -12.80
C ASP B 169 4.67 -33.04 -11.70
N ILE B 170 3.56 -32.30 -11.64
CA ILE B 170 2.65 -32.43 -10.53
C ILE B 170 2.07 -33.85 -10.48
N GLU B 171 1.49 -34.20 -9.32
CA GLU B 171 1.01 -35.52 -8.90
C GLU B 171 2.16 -36.41 -8.39
N THR B 172 3.39 -35.93 -8.41
CA THR B 172 4.53 -36.62 -7.82
C THR B 172 5.28 -35.66 -6.93
N GLY B 173 5.25 -34.38 -7.27
CA GLY B 173 5.93 -33.35 -6.52
C GLY B 173 7.43 -33.42 -6.59
N GLN B 174 7.98 -33.58 -7.79
CA GLN B 174 9.42 -33.70 -7.96
C GLN B 174 9.87 -32.90 -9.18
N GLN B 175 11.05 -32.29 -9.07
CA GLN B 175 11.63 -31.53 -10.18
C GLN B 175 12.09 -32.51 -11.25
N THR B 176 11.41 -32.50 -12.40
CA THR B 176 11.90 -33.27 -13.54
C THR B 176 13.20 -32.69 -14.07
N THR B 177 13.33 -31.36 -14.09
CA THR B 177 14.51 -30.72 -14.66
C THR B 177 14.82 -29.46 -13.87
N THR B 178 16.08 -29.05 -13.94
CA THR B 178 16.54 -27.81 -13.33
C THR B 178 17.30 -26.99 -14.38
N PHE B 179 17.06 -25.69 -14.40
CA PHE B 179 17.62 -24.78 -15.39
C PHE B 179 18.53 -23.80 -14.67
N THR B 180 19.84 -24.02 -14.76
CA THR B 180 20.84 -23.18 -14.09
C THR B 180 21.66 -22.41 -15.10
N GLY B 181 22.28 -21.33 -14.64
CA GLY B 181 23.04 -20.47 -15.51
C GLY B 181 22.95 -18.99 -15.17
N HIS B 182 21.87 -18.58 -14.52
CA HIS B 182 21.75 -17.20 -14.09
C HIS B 182 22.72 -16.90 -12.95
N THR B 183 23.05 -15.62 -12.79
CA THR B 183 23.91 -15.19 -11.69
C THR B 183 23.24 -14.09 -10.87
N GLY B 184 21.91 -14.11 -10.82
CA GLY B 184 21.16 -13.14 -10.06
C GLY B 184 19.77 -13.68 -9.81
N ASP B 185 19.01 -12.97 -8.98
CA ASP B 185 17.68 -13.40 -8.61
C ASP B 185 16.81 -13.42 -9.86
N VAL B 186 16.10 -14.51 -10.10
CA VAL B 186 15.25 -14.62 -11.28
C VAL B 186 13.87 -14.05 -10.95
N MET B 187 13.41 -13.09 -11.75
CA MET B 187 12.21 -12.32 -11.46
C MET B 187 10.95 -12.75 -12.20
N SER B 188 11.07 -13.39 -13.35
CA SER B 188 9.90 -13.63 -14.18
C SER B 188 10.22 -14.71 -15.20
N LEU B 189 9.15 -15.34 -15.70
CA LEU B 189 9.29 -16.28 -16.80
C LEU B 189 8.05 -16.23 -17.68
N SER B 190 8.21 -16.67 -18.92
CA SER B 190 7.15 -16.63 -19.92
C SER B 190 7.23 -17.85 -20.82
N LEU B 191 6.14 -18.60 -20.91
CA LEU B 191 6.09 -19.76 -21.77
C LEU B 191 5.87 -19.35 -23.22
N ALA B 192 6.14 -20.26 -24.11
CA ALA B 192 5.85 -20.02 -25.51
C ALA B 192 4.46 -20.50 -25.86
N PRO B 193 3.85 -19.93 -26.91
CA PRO B 193 2.57 -20.50 -27.37
C PRO B 193 2.67 -21.96 -27.75
N ASP B 194 3.80 -22.38 -28.30
CA ASP B 194 4.03 -23.79 -28.59
C ASP B 194 4.22 -24.61 -27.32
N THR B 195 4.54 -23.96 -26.21
CA THR B 195 4.79 -24.61 -24.92
C THR B 195 5.95 -25.60 -25.01
N ARG B 196 7.03 -25.16 -25.67
CA ARG B 196 8.26 -25.92 -25.71
C ARG B 196 9.48 -25.08 -25.35
N LEU B 197 9.35 -23.77 -25.23
CA LEU B 197 10.41 -22.88 -24.84
C LEU B 197 9.89 -21.94 -23.76
N PHE B 198 10.80 -21.33 -23.00
CA PHE B 198 10.41 -20.24 -22.12
C PHE B 198 11.61 -19.35 -21.86
N VAL B 199 11.33 -18.12 -21.47
CA VAL B 199 12.36 -17.11 -21.22
C VAL B 199 12.23 -16.66 -19.78
N SER B 200 13.33 -16.11 -19.26
CA SER B 200 13.40 -15.68 -17.87
C SER B 200 14.19 -14.38 -17.77
N GLY B 201 13.99 -13.67 -16.69
CA GLY B 201 14.69 -12.42 -16.47
C GLY B 201 15.20 -12.32 -15.05
N ALA B 202 16.43 -11.83 -14.91
CA ALA B 202 17.13 -11.86 -13.64
C ALA B 202 17.69 -10.49 -13.30
N CYS B 203 18.11 -10.35 -12.04
CA CYS B 203 18.77 -9.14 -11.56
C CYS B 203 20.19 -9.01 -12.08
N ASP B 204 20.73 -10.04 -12.74
CA ASP B 204 22.00 -9.93 -13.43
C ASP B 204 21.91 -9.03 -14.66
N ALA B 205 20.71 -8.52 -14.96
CA ALA B 205 20.45 -7.68 -16.15
C ALA B 205 20.66 -8.48 -17.43
N SER B 206 20.08 -9.68 -17.47
CA SER B 206 20.17 -10.53 -18.65
C SER B 206 18.95 -11.43 -18.71
N ALA B 207 18.73 -12.03 -19.88
CA ALA B 207 17.63 -12.96 -20.10
C ALA B 207 18.14 -14.16 -20.89
N LYS B 208 17.45 -15.29 -20.74
CA LYS B 208 17.89 -16.54 -21.35
C LYS B 208 16.70 -17.25 -21.98
N LEU B 209 17.00 -18.15 -22.91
CA LEU B 209 16.01 -18.96 -23.61
C LEU B 209 16.32 -20.44 -23.36
N TRP B 210 15.35 -21.17 -22.82
CA TRP B 210 15.54 -22.54 -22.37
C TRP B 210 14.69 -23.50 -23.21
N ASP B 211 15.27 -24.62 -23.60
CA ASP B 211 14.51 -25.71 -24.21
C ASP B 211 13.89 -26.54 -23.09
N VAL B 212 12.57 -26.68 -23.10
CA VAL B 212 11.86 -27.24 -21.95
C VAL B 212 12.25 -28.70 -21.74
N ARG B 213 12.25 -29.50 -22.81
CA ARG B 213 12.41 -30.94 -22.69
C ARG B 213 13.87 -31.39 -22.76
N GLU B 214 14.82 -30.50 -22.46
CA GLU B 214 16.22 -30.90 -22.48
C GLU B 214 16.96 -30.44 -21.23
N GLY B 215 16.49 -29.36 -20.60
CA GLY B 215 17.25 -28.73 -19.55
C GLY B 215 18.40 -27.88 -20.04
N MET B 216 18.40 -27.54 -21.32
CA MET B 216 19.46 -26.79 -21.98
C MET B 216 19.12 -25.31 -22.07
N CYS B 217 20.16 -24.48 -22.08
CA CYS B 217 20.02 -23.06 -22.38
C CYS B 217 20.55 -22.81 -23.79
N ARG B 218 19.73 -22.17 -24.62
CA ARG B 218 20.06 -21.95 -26.03
C ARG B 218 20.89 -20.70 -26.24
N GLN B 219 20.43 -19.55 -25.73
CA GLN B 219 21.12 -18.30 -25.98
C GLN B 219 20.70 -17.28 -24.93
N THR B 220 21.50 -16.23 -24.79
CA THR B 220 21.33 -15.22 -23.75
C THR B 220 21.35 -13.83 -24.37
N PHE B 221 20.57 -12.93 -23.76
CA PHE B 221 20.36 -11.58 -24.27
C PHE B 221 20.70 -10.57 -23.18
N THR B 222 21.50 -9.56 -23.52
CA THR B 222 21.86 -8.49 -22.61
C THR B 222 21.58 -7.15 -23.26
N GLY B 223 21.81 -6.08 -22.52
CA GLY B 223 21.58 -4.74 -23.02
C GLY B 223 20.98 -3.80 -22.00
N HIS B 224 20.18 -4.33 -21.08
CA HIS B 224 19.64 -3.49 -20.02
C HIS B 224 20.76 -3.09 -19.06
N GLU B 225 20.50 -2.01 -18.32
CA GLU B 225 21.49 -1.45 -17.40
C GLU B 225 21.13 -1.70 -15.94
N SER B 226 19.98 -2.30 -15.67
CA SER B 226 19.56 -2.57 -14.31
C SER B 226 18.72 -3.84 -14.29
N ASP B 227 18.05 -4.08 -13.17
CA ASP B 227 17.30 -5.30 -12.95
C ASP B 227 16.12 -5.39 -13.91
N ILE B 228 15.83 -6.61 -14.37
CA ILE B 228 14.72 -6.87 -15.27
C ILE B 228 13.55 -7.39 -14.44
N ASN B 229 12.40 -6.72 -14.54
CA ASN B 229 11.24 -7.04 -13.72
C ASN B 229 10.16 -7.82 -14.43
N ALA B 230 10.06 -7.72 -15.75
CA ALA B 230 8.94 -8.31 -16.47
C ALA B 230 9.43 -8.80 -17.83
N ILE B 231 8.65 -9.72 -18.42
CA ILE B 231 9.02 -10.33 -19.69
C ILE B 231 7.75 -10.96 -20.29
N CYS B 232 7.69 -10.99 -21.63
CA CYS B 232 6.51 -11.47 -22.34
C CYS B 232 6.91 -11.85 -23.76
N PHE B 233 6.31 -12.92 -24.28
CA PHE B 233 6.47 -13.31 -25.68
C PHE B 233 5.52 -12.59 -26.63
N PHE B 234 6.01 -12.38 -27.85
CA PHE B 234 5.18 -11.95 -28.96
C PHE B 234 4.18 -13.06 -29.31
N PRO B 235 2.99 -12.70 -29.79
CA PRO B 235 1.94 -13.72 -30.00
C PRO B 235 2.31 -14.91 -30.87
N ASN B 236 3.18 -14.76 -31.86
CA ASN B 236 3.58 -15.92 -32.65
C ASN B 236 4.78 -16.65 -32.06
N GLY B 237 5.48 -16.07 -31.09
CA GLY B 237 6.57 -16.75 -30.43
C GLY B 237 7.93 -16.59 -31.05
N ASN B 238 8.15 -15.54 -31.84
CA ASN B 238 9.45 -15.30 -32.46
C ASN B 238 10.12 -14.04 -31.96
N ALA B 239 9.63 -13.48 -30.86
CA ALA B 239 10.24 -12.30 -30.23
C ALA B 239 9.66 -12.17 -28.84
N PHE B 240 10.30 -11.34 -28.01
CA PHE B 240 9.83 -11.09 -26.66
C PHE B 240 10.28 -9.70 -26.25
N ALA B 241 9.63 -9.17 -25.22
CA ALA B 241 9.94 -7.84 -24.69
C ALA B 241 10.16 -7.91 -23.19
N THR B 242 11.10 -7.09 -22.72
CA THR B 242 11.48 -7.03 -21.31
C THR B 242 11.28 -5.63 -20.78
N GLY B 243 11.09 -5.52 -19.47
CA GLY B 243 11.04 -4.23 -18.80
C GLY B 243 11.90 -4.19 -17.55
N SER B 244 12.74 -3.16 -17.42
CA SER B 244 13.75 -3.10 -16.36
C SER B 244 13.48 -1.94 -15.42
N ASP B 245 14.28 -1.90 -14.35
CA ASP B 245 14.28 -0.76 -13.43
C ASP B 245 14.98 0.45 -14.00
N ASP B 246 15.62 0.31 -15.16
CA ASP B 246 16.32 1.37 -15.89
C ASP B 246 15.34 2.36 -16.51
N ALA B 247 14.03 2.13 -16.33
CA ALA B 247 12.96 2.94 -16.91
C ALA B 247 12.87 2.77 -18.43
N THR B 248 13.00 1.53 -18.90
CA THR B 248 13.02 1.28 -20.32
C THR B 248 12.51 -0.13 -20.61
N CYS B 249 11.81 -0.28 -21.73
CA CYS B 249 11.44 -1.56 -22.31
C CYS B 249 12.23 -1.76 -23.59
N ARG B 250 12.41 -3.03 -23.98
CA ARG B 250 13.15 -3.38 -25.18
C ARG B 250 12.47 -4.56 -25.85
N LEU B 251 12.83 -4.80 -27.11
CA LEU B 251 12.28 -5.90 -27.88
C LEU B 251 13.43 -6.73 -28.44
N PHE B 252 13.36 -8.04 -28.25
CA PHE B 252 14.44 -8.95 -28.61
C PHE B 252 13.93 -9.99 -29.60
N ASP B 253 14.73 -10.28 -30.62
CA ASP B 253 14.41 -11.28 -31.62
C ASP B 253 15.18 -12.57 -31.37
N LEU B 254 14.48 -13.70 -31.44
CA LEU B 254 15.16 -14.98 -31.24
C LEU B 254 16.03 -15.34 -32.43
N ARG B 255 15.62 -15.03 -33.65
CA ARG B 255 16.33 -15.43 -34.85
C ARG B 255 17.31 -14.39 -35.37
N ALA B 256 17.42 -13.24 -34.70
CA ALA B 256 18.46 -12.27 -35.00
C ALA B 256 19.41 -12.03 -33.82
N ASP B 257 19.01 -12.41 -32.62
CA ASP B 257 19.87 -12.36 -31.43
C ASP B 257 20.35 -10.94 -31.13
N GLN B 258 19.45 -9.97 -31.27
CA GLN B 258 19.80 -8.59 -31.00
C GLN B 258 18.60 -7.88 -30.40
N GLU B 259 18.84 -6.66 -29.95
CA GLU B 259 17.78 -5.74 -29.57
C GLU B 259 17.22 -5.07 -30.82
N LEU B 260 15.89 -5.04 -30.94
CA LEU B 260 15.24 -4.43 -32.08
C LEU B 260 14.76 -3.01 -31.81
N MET B 261 13.98 -2.81 -30.75
CA MET B 261 13.41 -1.51 -30.45
C MET B 261 13.52 -1.24 -28.95
N THR B 262 13.59 0.04 -28.60
CA THR B 262 13.61 0.48 -27.21
C THR B 262 12.49 1.50 -26.99
N TYR B 263 11.72 1.32 -25.93
CA TYR B 263 10.54 2.13 -25.65
C TYR B 263 10.76 2.93 -24.37
N SER B 264 11.39 4.11 -24.52
CA SER B 264 11.70 4.96 -23.39
C SER B 264 11.50 6.42 -23.75
N HIS B 265 11.03 7.21 -22.78
CA HIS B 265 10.89 8.65 -22.91
C HIS B 265 11.85 9.35 -21.95
N ASP B 266 11.93 10.67 -22.08
CA ASP B 266 12.79 11.49 -21.24
C ASP B 266 12.10 11.99 -19.99
N ASN B 267 10.79 11.76 -19.85
CA ASN B 267 10.04 12.16 -18.67
C ASN B 267 9.64 10.96 -17.83
N ILE B 268 10.29 9.82 -18.02
CA ILE B 268 10.00 8.59 -17.30
C ILE B 268 11.27 8.20 -16.56
N ILE B 269 11.22 8.27 -15.23
CA ILE B 269 12.37 7.92 -14.41
C ILE B 269 12.12 6.73 -13.50
N CYS B 270 10.88 6.29 -13.37
CA CYS B 270 10.56 5.14 -12.54
C CYS B 270 10.67 3.85 -13.36
N GLY B 271 10.49 2.71 -12.70
CA GLY B 271 10.73 1.41 -13.32
C GLY B 271 9.44 0.75 -13.77
N ILE B 272 9.55 -0.06 -14.83
CA ILE B 272 8.43 -0.81 -15.37
C ILE B 272 8.23 -2.06 -14.51
N THR B 273 7.01 -2.27 -14.04
CA THR B 273 6.71 -3.43 -13.22
C THR B 273 6.10 -4.59 -14.00
N SER B 274 5.54 -4.34 -15.18
CA SER B 274 4.82 -5.37 -15.91
C SER B 274 4.71 -4.97 -17.38
N VAL B 275 4.71 -5.98 -18.26
CA VAL B 275 4.55 -5.78 -19.70
C VAL B 275 3.54 -6.79 -20.23
N SER B 276 2.90 -6.44 -21.33
CA SER B 276 2.03 -7.39 -22.03
C SER B 276 1.78 -6.91 -23.44
N PHE B 277 1.39 -7.84 -24.29
CA PHE B 277 1.13 -7.61 -25.72
C PHE B 277 -0.36 -7.81 -25.98
N SER B 278 -0.92 -7.02 -26.89
CA SER B 278 -2.30 -7.20 -27.29
C SER B 278 -2.45 -8.52 -28.07
N LYS B 279 -3.68 -8.79 -28.53
CA LYS B 279 -3.96 -10.03 -29.22
C LYS B 279 -3.28 -10.08 -30.59
N SER B 280 -3.27 -8.97 -31.31
CA SER B 280 -2.58 -8.90 -32.60
C SER B 280 -1.08 -8.69 -32.45
N GLY B 281 -0.63 -8.16 -31.31
CA GLY B 281 0.76 -7.81 -31.14
C GLY B 281 1.13 -6.43 -31.61
N ARG B 282 0.16 -5.57 -31.89
CA ARG B 282 0.46 -4.23 -32.37
C ARG B 282 0.65 -3.23 -31.24
N LEU B 283 0.11 -3.50 -30.06
CA LEU B 283 0.29 -2.63 -28.92
C LEU B 283 1.05 -3.35 -27.82
N LEU B 284 1.81 -2.58 -27.05
CA LEU B 284 2.53 -3.08 -25.88
C LEU B 284 2.10 -2.25 -24.69
N LEU B 285 1.62 -2.92 -23.65
CA LEU B 285 1.13 -2.27 -22.44
C LEU B 285 2.12 -2.48 -21.31
N ALA B 286 2.40 -1.42 -20.56
CA ALA B 286 3.46 -1.47 -19.55
C ALA B 286 3.05 -0.66 -18.33
N GLY B 287 3.03 -1.31 -17.17
CA GLY B 287 2.75 -0.62 -15.92
C GLY B 287 4.00 -0.03 -15.31
N TYR B 288 3.83 1.09 -14.61
CA TYR B 288 4.94 1.87 -14.08
C TYR B 288 4.77 2.13 -12.60
N ASP B 289 5.82 2.69 -12.00
CA ASP B 289 5.76 3.20 -10.64
C ASP B 289 5.13 4.57 -10.55
N ASP B 290 5.04 5.32 -11.65
CA ASP B 290 4.31 6.58 -11.65
C ASP B 290 2.82 6.32 -11.79
N PHE B 291 2.29 5.38 -11.00
CA PHE B 291 0.87 5.21 -10.78
C PHE B 291 0.09 4.93 -12.06
N ASN B 292 0.78 4.84 -13.21
CA ASN B 292 0.13 4.83 -14.51
C ASN B 292 0.41 3.54 -15.27
N CYS B 293 -0.10 3.48 -16.50
CA CYS B 293 0.11 2.35 -17.39
C CYS B 293 0.08 2.90 -18.81
N ASN B 294 1.25 3.08 -19.41
CA ASN B 294 1.33 3.61 -20.76
C ASN B 294 1.04 2.54 -21.79
N VAL B 295 0.69 2.98 -22.99
CA VAL B 295 0.45 2.11 -24.13
C VAL B 295 1.39 2.54 -25.24
N TRP B 296 2.08 1.58 -25.84
CA TRP B 296 3.10 1.85 -26.84
C TRP B 296 2.70 1.21 -28.16
N ASP B 297 3.26 1.73 -29.23
CA ASP B 297 3.08 1.20 -30.58
C ASP B 297 4.32 0.35 -30.88
N ALA B 298 4.16 -0.97 -30.79
CA ALA B 298 5.32 -1.86 -30.84
C ALA B 298 6.11 -1.71 -32.14
N LEU B 299 5.46 -1.36 -33.24
CA LEU B 299 6.16 -1.26 -34.51
C LEU B 299 6.68 0.13 -34.81
N LYS B 300 6.42 1.12 -33.96
CA LYS B 300 6.89 2.48 -34.19
C LYS B 300 7.52 3.14 -32.98
N ALA B 301 7.37 2.58 -31.78
CA ALA B 301 7.96 3.12 -30.56
C ALA B 301 7.48 4.54 -30.28
N ASP B 302 6.16 4.69 -30.18
CA ASP B 302 5.52 5.94 -29.85
C ASP B 302 4.40 5.65 -28.86
N ARG B 303 4.20 6.54 -27.89
CA ARG B 303 3.08 6.36 -26.99
C ARG B 303 1.78 6.49 -27.77
N ALA B 304 0.84 5.61 -27.46
CA ALA B 304 -0.46 5.59 -28.13
C ALA B 304 -1.57 5.40 -27.13
N GLY B 305 -1.52 6.11 -26.02
CA GLY B 305 -2.57 6.01 -25.03
C GLY B 305 -1.99 6.06 -23.62
N VAL B 306 -2.88 5.94 -22.65
CA VAL B 306 -2.52 5.92 -21.24
C VAL B 306 -3.72 5.42 -20.45
N LEU B 307 -3.47 4.65 -19.39
CA LEU B 307 -4.51 4.16 -18.51
C LEU B 307 -4.20 4.70 -17.11
N ALA B 308 -4.71 5.90 -16.82
CA ALA B 308 -4.47 6.57 -15.56
C ALA B 308 -5.73 6.50 -14.71
N GLY B 309 -5.80 5.51 -13.82
CA GLY B 309 -6.93 5.36 -12.94
C GLY B 309 -6.62 4.81 -11.56
N HIS B 310 -5.35 4.70 -11.22
CA HIS B 310 -4.93 4.10 -9.96
C HIS B 310 -4.22 5.14 -9.10
N ASP B 311 -4.34 4.97 -7.79
CA ASP B 311 -3.73 5.89 -6.82
C ASP B 311 -2.30 5.54 -6.46
N ASN B 312 -1.94 4.25 -6.49
CA ASN B 312 -0.60 3.77 -6.21
C ASN B 312 -0.03 3.13 -7.46
N ARG B 313 1.15 2.54 -7.33
CA ARG B 313 1.83 1.97 -8.49
C ARG B 313 1.13 0.71 -9.00
N VAL B 314 1.16 0.54 -10.31
CA VAL B 314 0.53 -0.61 -10.96
C VAL B 314 1.50 -1.79 -10.94
N SER B 315 1.09 -2.87 -10.29
CA SER B 315 1.96 -4.02 -10.05
C SER B 315 1.71 -5.19 -10.99
N CYS B 316 0.51 -5.32 -11.55
CA CYS B 316 0.16 -6.46 -12.37
C CYS B 316 -0.74 -6.01 -13.50
N LEU B 317 -0.78 -6.83 -14.55
CA LEU B 317 -1.37 -6.44 -15.82
C LEU B 317 -1.56 -7.66 -16.72
N GLY B 318 -2.74 -7.84 -17.30
CA GLY B 318 -2.97 -8.99 -18.16
C GLY B 318 -3.94 -8.69 -19.28
N VAL B 319 -3.94 -9.57 -20.28
CA VAL B 319 -4.79 -9.44 -21.46
C VAL B 319 -5.45 -10.79 -21.73
N THR B 320 -6.60 -10.74 -22.39
CA THR B 320 -7.45 -11.89 -22.65
C THR B 320 -7.03 -12.60 -23.93
N ASP B 321 -7.37 -13.89 -24.01
CA ASP B 321 -6.99 -14.67 -25.20
C ASP B 321 -7.68 -14.17 -26.45
N ASP B 322 -8.96 -13.79 -26.36
CA ASP B 322 -9.67 -13.25 -27.51
C ASP B 322 -9.50 -11.75 -27.66
N GLY B 323 -8.80 -11.09 -26.73
CA GLY B 323 -8.39 -9.72 -26.92
C GLY B 323 -9.41 -8.65 -26.64
N MET B 324 -10.38 -8.92 -25.77
CA MET B 324 -11.45 -7.97 -25.51
C MET B 324 -11.14 -7.02 -24.36
N ALA B 325 -10.40 -7.44 -23.34
CA ALA B 325 -10.25 -6.63 -22.15
C ALA B 325 -8.81 -6.64 -21.65
N VAL B 326 -8.48 -5.59 -20.90
CA VAL B 326 -7.21 -5.46 -20.19
C VAL B 326 -7.54 -5.26 -18.72
N ALA B 327 -6.90 -6.03 -17.86
CA ALA B 327 -7.02 -5.86 -16.43
C ALA B 327 -5.72 -5.32 -15.88
N THR B 328 -5.83 -4.42 -14.90
CA THR B 328 -4.67 -3.90 -14.19
C THR B 328 -4.96 -3.91 -12.70
N GLY B 329 -3.95 -4.29 -11.91
CA GLY B 329 -4.02 -4.25 -10.47
C GLY B 329 -2.95 -3.32 -9.91
N SER B 330 -3.11 -2.96 -8.64
CA SER B 330 -2.20 -2.00 -8.02
C SER B 330 -2.23 -2.16 -6.52
N TRP B 331 -1.33 -1.44 -5.85
CA TRP B 331 -1.23 -1.40 -4.40
C TRP B 331 -2.41 -0.70 -3.73
N ASP B 332 -3.43 -0.30 -4.50
CA ASP B 332 -4.65 0.30 -4.00
C ASP B 332 -5.68 -0.71 -3.53
N SER B 333 -5.47 -2.00 -3.79
CA SER B 333 -6.43 -3.07 -3.56
C SER B 333 -7.57 -3.05 -4.56
N PHE B 334 -7.40 -2.34 -5.68
CA PHE B 334 -8.43 -2.24 -6.70
C PHE B 334 -7.88 -2.79 -8.00
N LEU B 335 -8.68 -3.60 -8.68
CA LEU B 335 -8.34 -4.14 -9.99
C LEU B 335 -9.41 -3.68 -10.96
N LYS B 336 -8.99 -3.23 -12.14
CA LYS B 336 -9.89 -2.60 -13.09
C LYS B 336 -9.85 -3.31 -14.43
N ILE B 337 -11.02 -3.45 -15.06
CA ILE B 337 -11.12 -3.99 -16.40
C ILE B 337 -11.30 -2.82 -17.37
N TRP B 338 -10.48 -2.78 -18.42
CA TRP B 338 -10.43 -1.66 -19.34
C TRP B 338 -10.79 -2.08 -20.75
N ASN B 339 -11.89 -2.82 -20.90
CA ASN B 339 -12.42 -3.19 -22.21
C ASN B 339 -12.43 -2.04 -23.24
N SER C 8 36.34 -24.27 -8.50
CA SER C 8 37.24 -23.21 -8.98
C SER C 8 37.56 -23.38 -10.45
N ILE C 9 38.00 -24.59 -10.83
CA ILE C 9 38.34 -24.88 -12.22
C ILE C 9 37.25 -25.69 -12.92
N ALA C 10 36.44 -26.46 -12.18
CA ALA C 10 35.37 -27.23 -12.81
C ALA C 10 34.31 -26.30 -13.42
N GLN C 11 33.96 -25.23 -12.72
CA GLN C 11 32.98 -24.28 -13.24
C GLN C 11 33.50 -23.58 -14.49
N ALA C 12 34.78 -23.17 -14.47
CA ALA C 12 35.35 -22.48 -15.62
C ALA C 12 35.35 -23.37 -16.85
N ARG C 13 35.50 -24.68 -16.67
CA ARG C 13 35.38 -25.61 -17.79
C ARG C 13 33.97 -25.62 -18.35
N LYS C 14 32.96 -25.54 -17.48
CA LYS C 14 31.58 -25.52 -17.94
C LYS C 14 31.24 -24.20 -18.63
N LEU C 15 31.80 -23.09 -18.14
CA LEU C 15 31.48 -21.79 -18.72
C LEU C 15 31.95 -21.70 -20.17
N VAL C 16 33.15 -22.18 -20.45
CA VAL C 16 33.65 -22.15 -21.82
C VAL C 16 32.82 -23.06 -22.72
N GLU C 17 32.36 -24.19 -22.18
CA GLU C 17 31.55 -25.10 -22.97
C GLU C 17 30.23 -24.46 -23.39
N GLN C 18 29.62 -23.69 -22.50
CA GLN C 18 28.33 -23.06 -22.82
C GLN C 18 28.49 -22.03 -23.93
N LEU C 19 29.51 -21.17 -23.84
CA LEU C 19 29.73 -20.18 -24.89
C LEU C 19 30.09 -20.84 -26.21
N LYS C 20 30.90 -21.91 -26.17
CA LYS C 20 31.28 -22.62 -27.39
C LYS C 20 30.06 -23.18 -28.10
N MET C 21 29.00 -23.50 -27.35
CA MET C 21 27.77 -24.02 -27.95
C MET C 21 26.75 -22.93 -28.23
N GLU C 22 26.88 -21.76 -27.59
CA GLU C 22 26.00 -20.64 -27.88
C GLU C 22 26.38 -19.94 -29.18
N ALA C 23 27.66 -19.91 -29.52
CA ALA C 23 28.15 -19.21 -30.71
C ALA C 23 28.22 -20.11 -31.94
N ASN C 24 27.41 -21.15 -31.99
CA ASN C 24 27.37 -22.07 -33.14
C ASN C 24 25.93 -22.23 -33.62
N ILE C 25 25.23 -21.11 -33.74
CA ILE C 25 23.85 -21.10 -34.23
C ILE C 25 23.79 -20.21 -35.46
N ASP C 26 22.90 -20.57 -36.38
CA ASP C 26 22.74 -19.83 -37.64
C ASP C 26 21.72 -18.72 -37.45
N ARG C 27 22.12 -17.50 -37.79
CA ARG C 27 21.29 -16.32 -37.58
C ARG C 27 20.86 -15.73 -38.92
N ILE C 28 19.64 -15.19 -38.96
CA ILE C 28 19.13 -14.52 -40.14
C ILE C 28 19.25 -13.01 -39.92
N LYS C 29 19.18 -12.26 -41.02
CA LYS C 29 19.35 -10.82 -40.95
C LYS C 29 18.12 -10.16 -40.31
N VAL C 30 18.34 -8.98 -39.75
CA VAL C 30 17.28 -8.28 -39.02
C VAL C 30 16.17 -7.83 -39.97
N SER C 31 16.53 -7.47 -41.20
CA SER C 31 15.53 -7.01 -42.17
C SER C 31 14.51 -8.10 -42.46
N LYS C 32 14.97 -9.35 -42.62
CA LYS C 32 14.05 -10.46 -42.70
C LYS C 32 13.31 -10.67 -41.38
N ALA C 33 13.94 -10.28 -40.27
CA ALA C 33 13.34 -10.45 -38.95
C ALA C 33 12.29 -9.40 -38.65
N ALA C 34 12.49 -8.16 -39.10
CA ALA C 34 11.50 -7.11 -38.88
C ALA C 34 10.31 -7.26 -39.82
N ALA C 35 10.54 -7.78 -41.03
CA ALA C 35 9.46 -7.95 -41.98
C ALA C 35 8.43 -8.94 -41.47
N ASP C 36 8.89 -10.04 -40.85
CA ASP C 36 7.96 -11.06 -40.37
C ASP C 36 7.10 -10.54 -39.23
N LEU C 37 7.68 -9.73 -38.34
CA LEU C 37 6.89 -9.12 -37.28
C LEU C 37 5.86 -8.16 -37.84
N MET C 38 6.27 -7.33 -38.81
CA MET C 38 5.37 -6.36 -39.40
C MET C 38 4.27 -7.05 -40.21
N ALA C 39 4.63 -8.10 -40.95
CA ALA C 39 3.64 -8.81 -41.77
C ALA C 39 2.59 -9.50 -40.91
N TYR C 40 2.99 -10.03 -39.75
CA TYR C 40 2.04 -10.73 -38.89
C TYR C 40 0.95 -9.80 -38.38
N CYS C 41 1.31 -8.60 -37.95
CA CYS C 41 0.33 -7.69 -37.36
C CYS C 41 -0.64 -7.16 -38.41
N GLU C 42 -0.18 -6.95 -39.64
CA GLU C 42 -1.07 -6.52 -40.71
C GLU C 42 -2.14 -7.57 -41.01
N ALA C 43 -1.74 -8.84 -41.06
CA ALA C 43 -2.70 -9.90 -41.38
C ALA C 43 -3.76 -10.06 -40.29
N HIS C 44 -3.36 -9.93 -39.02
CA HIS C 44 -4.27 -10.19 -37.91
C HIS C 44 -4.88 -8.92 -37.34
N ALA C 45 -4.69 -7.77 -37.99
CA ALA C 45 -5.17 -6.51 -37.43
C ALA C 45 -6.69 -6.49 -37.30
N LYS C 46 -7.39 -7.29 -38.10
CA LYS C 46 -8.85 -7.22 -38.14
C LYS C 46 -9.51 -7.86 -36.92
N GLU C 47 -8.83 -8.78 -36.24
CA GLU C 47 -9.44 -9.57 -35.17
C GLU C 47 -9.08 -9.10 -33.78
N ASP C 48 -8.38 -7.98 -33.64
CA ASP C 48 -8.03 -7.47 -32.33
C ASP C 48 -8.96 -6.32 -31.96
N PRO C 49 -9.89 -6.50 -31.02
CA PRO C 49 -10.85 -5.43 -30.71
C PRO C 49 -10.22 -4.15 -30.19
N LEU C 50 -9.15 -4.26 -29.39
CA LEU C 50 -8.62 -3.08 -28.71
C LEU C 50 -8.12 -2.04 -29.71
N LEU C 51 -7.46 -2.48 -30.77
CA LEU C 51 -6.97 -1.54 -31.78
C LEU C 51 -8.12 -0.97 -32.59
N THR C 52 -9.01 -1.84 -33.07
CA THR C 52 -10.17 -1.45 -33.87
C THR C 52 -11.44 -1.74 -33.08
N PRO C 53 -12.08 -0.72 -32.50
CA PRO C 53 -13.18 -0.97 -31.56
C PRO C 53 -14.31 -1.78 -32.19
N VAL C 54 -14.90 -2.64 -31.36
CA VAL C 54 -15.93 -3.59 -31.80
C VAL C 54 -17.29 -2.91 -31.71
N PRO C 55 -18.26 -3.29 -32.54
CA PRO C 55 -19.62 -2.78 -32.36
C PRO C 55 -20.14 -3.06 -30.95
N ALA C 56 -20.89 -2.10 -30.40
CA ALA C 56 -21.32 -2.17 -29.01
C ALA C 56 -22.32 -3.29 -28.75
N SER C 57 -22.86 -3.92 -29.81
CA SER C 57 -23.78 -5.03 -29.60
C SER C 57 -23.10 -6.20 -28.91
N GLU C 58 -21.84 -6.49 -29.28
CA GLU C 58 -21.07 -7.58 -28.72
C GLU C 58 -19.79 -7.01 -28.11
N ASN C 59 -19.90 -6.56 -26.86
CA ASN C 59 -18.77 -6.07 -26.09
C ASN C 59 -19.09 -6.28 -24.62
N PRO C 60 -18.96 -7.52 -24.13
CA PRO C 60 -19.63 -7.92 -22.88
C PRO C 60 -19.53 -6.95 -21.72
N PHE C 61 -18.40 -6.25 -21.57
CA PHE C 61 -18.25 -5.30 -20.48
C PHE C 61 -18.89 -3.95 -20.79
N ARG C 62 -19.06 -3.62 -22.07
CA ARG C 62 -19.67 -2.34 -22.44
C ARG C 62 -21.18 -2.42 -22.40
N GLU C 63 -21.77 -3.24 -23.26
CA GLU C 63 -23.21 -3.47 -23.24
C GLU C 63 -23.51 -4.72 -24.06
N LYS C 64 -23.89 -5.79 -23.37
CA LYS C 64 -24.30 -7.04 -24.01
C LYS C 64 -24.86 -7.93 -22.91
N LYS C 65 -25.15 -9.19 -23.27
CA LYS C 65 -25.50 -10.18 -22.26
C LYS C 65 -24.27 -10.49 -21.41
N PHE C 66 -24.38 -10.30 -20.11
CA PHE C 66 -23.27 -10.57 -19.20
C PHE C 66 -23.23 -12.05 -18.86
N PHE C 67 -23.21 -12.89 -19.90
CA PHE C 67 -23.20 -14.34 -19.72
C PHE C 67 -22.63 -15.03 -20.96
N VAL D 200 -31.13 47.99 6.74
CA VAL D 200 -30.25 47.70 5.62
C VAL D 200 -30.45 46.26 5.17
N THR D 201 -31.45 46.04 4.31
CA THR D 201 -31.72 44.70 3.80
C THR D 201 -30.57 44.16 2.96
N LEU D 202 -29.73 45.04 2.42
CA LEU D 202 -28.61 44.58 1.60
C LEU D 202 -27.58 43.83 2.44
N THR D 203 -27.19 44.40 3.58
CA THR D 203 -26.20 43.75 4.44
C THR D 203 -26.80 42.57 5.18
N LEU D 204 -28.01 42.72 5.71
CA LEU D 204 -28.61 41.69 6.55
C LEU D 204 -28.98 40.43 5.78
N VAL D 205 -29.00 40.48 4.46
CA VAL D 205 -29.28 39.30 3.64
C VAL D 205 -28.01 38.75 3.00
N CYS D 206 -27.15 39.63 2.49
CA CYS D 206 -25.90 39.17 1.89
C CYS D 206 -24.99 38.53 2.92
N LEU D 207 -24.92 39.11 4.13
CA LEU D 207 -24.07 38.55 5.17
C LEU D 207 -24.53 37.16 5.58
N ALA D 208 -25.84 37.01 5.81
CA ALA D 208 -26.37 35.70 6.20
C ALA D 208 -26.23 34.69 5.07
N GLY D 209 -26.42 35.13 3.83
CA GLY D 209 -26.22 34.24 2.69
C GLY D 209 -24.80 33.70 2.63
N LEU D 210 -23.82 34.52 3.03
CA LEU D 210 -22.45 34.04 3.11
C LEU D 210 -22.32 32.91 4.12
N LEU D 211 -23.02 33.03 5.26
CA LEU D 211 -23.00 31.96 6.25
C LEU D 211 -23.53 30.66 5.67
N MET D 212 -24.62 30.73 4.91
CA MET D 212 -25.20 29.53 4.32
C MET D 212 -24.23 28.86 3.34
N LEU D 213 -23.50 29.66 2.57
CA LEU D 213 -22.57 29.11 1.59
C LEU D 213 -21.40 28.40 2.28
N LEU D 214 -20.78 29.07 3.25
CA LEU D 214 -19.62 28.48 3.92
C LEU D 214 -19.99 27.22 4.67
N THR D 215 -21.13 27.22 5.37
CA THR D 215 -21.54 26.05 6.11
C THR D 215 -21.81 24.87 5.18
N VAL D 216 -22.46 25.13 4.04
CA VAL D 216 -22.70 24.06 3.07
C VAL D 216 -21.41 23.64 2.39
N PHE D 217 -20.57 24.60 2.03
CA PHE D 217 -19.32 24.28 1.33
C PHE D 217 -18.41 23.43 2.20
N GLY D 218 -18.19 23.86 3.45
CA GLY D 218 -17.27 23.15 4.31
C GLY D 218 -17.74 21.75 4.68
N ASN D 219 -19.02 21.63 5.04
CA ASN D 219 -19.51 20.36 5.56
C ASN D 219 -19.65 19.31 4.46
N VAL D 220 -20.20 19.69 3.31
CA VAL D 220 -20.34 18.75 2.21
C VAL D 220 -18.98 18.29 1.71
N LEU D 221 -18.03 19.22 1.64
CA LEU D 221 -16.67 18.86 1.21
C LEU D 221 -16.06 17.81 2.13
N VAL D 222 -16.38 17.88 3.42
CA VAL D 222 -15.87 16.89 4.37
C VAL D 222 -16.52 15.54 4.13
N ILE D 223 -17.83 15.52 3.84
CA ILE D 223 -18.54 14.26 3.66
C ILE D 223 -18.02 13.52 2.43
N ILE D 224 -17.80 14.24 1.33
CA ILE D 224 -17.32 13.61 0.11
C ILE D 224 -15.91 13.09 0.30
N ALA D 225 -15.07 13.85 0.99
CA ALA D 225 -13.67 13.43 1.19
C ALA D 225 -13.58 12.15 2.01
N VAL D 226 -14.45 12.00 3.01
CA VAL D 226 -14.44 10.79 3.82
C VAL D 226 -14.90 9.59 2.99
N PHE D 227 -15.84 9.80 2.07
CA PHE D 227 -16.42 8.72 1.28
C PHE D 227 -15.72 8.48 -0.04
N THR D 228 -14.61 9.16 -0.31
CA THR D 228 -13.91 9.01 -1.58
C THR D 228 -12.43 8.72 -1.38
N SER D 229 -12.07 8.07 -0.27
CA SER D 229 -10.68 7.73 -0.04
C SER D 229 -10.61 6.54 0.90
N ARG D 230 -9.46 5.84 0.85
CA ARG D 230 -9.19 4.75 1.76
C ARG D 230 -8.24 5.15 2.88
N ALA D 231 -7.53 6.26 2.74
CA ALA D 231 -6.73 6.78 3.84
C ALA D 231 -7.60 7.17 5.02
N LEU D 232 -8.72 7.84 4.75
CA LEU D 232 -9.70 8.19 5.77
C LEU D 232 -10.78 7.13 5.89
N LYS D 233 -10.36 5.87 6.03
CA LYS D 233 -11.27 4.75 6.21
C LYS D 233 -11.39 4.33 7.66
N ALA D 234 -10.80 5.09 8.58
CA ALA D 234 -10.85 4.74 9.99
C ALA D 234 -12.28 4.86 10.52
N PRO D 235 -12.66 3.98 11.46
CA PRO D 235 -14.01 4.03 12.01
C PRO D 235 -14.28 5.24 12.90
N GLN D 236 -13.25 5.96 13.34
CA GLN D 236 -13.46 7.16 14.12
C GLN D 236 -13.78 8.39 13.26
N ASN D 237 -13.66 8.27 11.94
CA ASN D 237 -13.92 9.38 11.04
C ASN D 237 -15.39 9.49 10.64
N LEU D 238 -16.25 8.63 11.18
CA LEU D 238 -17.69 8.80 11.03
C LEU D 238 -18.26 9.83 11.98
N PHE D 239 -17.45 10.36 12.91
CA PHE D 239 -17.88 11.48 13.72
C PHE D 239 -17.89 12.77 12.91
N LEU D 240 -16.88 12.96 12.05
CA LEU D 240 -16.84 14.13 11.19
C LEU D 240 -17.99 14.13 10.20
N VAL D 241 -18.50 12.96 9.83
CA VAL D 241 -19.60 12.89 8.89
C VAL D 241 -20.91 13.26 9.57
N SER D 242 -21.22 12.59 10.69
CA SER D 242 -22.46 12.85 11.39
C SER D 242 -22.53 14.29 11.89
N LEU D 243 -21.42 14.82 12.41
CA LEU D 243 -21.38 16.22 12.77
C LEU D 243 -21.61 17.13 11.58
N ALA D 244 -21.18 16.71 10.39
CA ALA D 244 -21.41 17.51 9.19
C ALA D 244 -22.87 17.50 8.78
N SER D 245 -23.58 16.39 9.03
CA SER D 245 -25.00 16.35 8.72
C SER D 245 -25.82 17.16 9.71
N ALA D 246 -25.37 17.27 10.96
CA ALA D 246 -26.07 18.11 11.92
C ALA D 246 -25.90 19.59 11.58
N ASP D 247 -24.75 19.96 11.02
CA ASP D 247 -24.48 21.34 10.65
C ASP D 247 -24.93 21.68 9.24
N ILE D 248 -25.31 20.69 8.44
CA ILE D 248 -25.80 21.00 7.10
C ILE D 248 -27.30 21.31 7.13
N LEU D 249 -28.05 20.68 8.04
CA LEU D 249 -29.46 20.94 8.14
C LEU D 249 -29.77 22.29 8.79
N VAL D 250 -28.92 22.71 9.73
CA VAL D 250 -29.16 23.99 10.41
C VAL D 250 -28.97 25.16 9.45
N ALA D 251 -28.05 25.03 8.49
CA ALA D 251 -27.83 26.11 7.53
C ALA D 251 -28.99 26.25 6.57
N THR D 252 -29.47 25.13 6.03
CA THR D 252 -30.48 25.17 4.98
C THR D 252 -31.88 25.46 5.52
N LEU D 253 -32.17 25.02 6.74
CA LEU D 253 -33.52 25.10 7.27
C LEU D 253 -33.69 26.18 8.34
N VAL D 254 -32.72 26.32 9.25
CA VAL D 254 -32.91 27.20 10.40
C VAL D 254 -32.58 28.64 10.05
N ILE D 255 -31.45 28.86 9.39
CA ILE D 255 -31.02 30.24 9.09
C ILE D 255 -32.03 30.98 8.22
N PRO D 256 -32.56 30.41 7.11
CA PRO D 256 -33.48 31.18 6.27
C PRO D 256 -34.72 31.66 7.01
N PHE D 257 -35.45 30.75 7.65
CA PHE D 257 -36.67 31.13 8.37
C PHE D 257 -36.36 32.15 9.45
N SER D 258 -35.29 31.91 10.22
CA SER D 258 -34.89 32.87 11.25
C SER D 258 -34.51 34.20 10.63
N LEU D 259 -33.86 34.17 9.46
CA LEU D 259 -33.48 35.41 8.80
C LEU D 259 -34.70 36.21 8.38
N ALA D 260 -35.76 35.52 7.95
CA ALA D 260 -36.99 36.21 7.58
C ALA D 260 -37.55 37.01 8.74
N ASN D 261 -37.53 36.43 9.95
CA ASN D 261 -38.11 37.09 11.11
C ASN D 261 -37.42 38.42 11.39
N GLU D 262 -36.09 38.48 11.29
CA GLU D 262 -35.37 39.68 11.67
C GLU D 262 -35.54 40.79 10.64
N VAL D 263 -35.45 40.46 9.35
CA VAL D 263 -35.44 41.50 8.32
C VAL D 263 -36.86 41.93 7.95
N MET D 264 -37.82 41.01 7.92
CA MET D 264 -39.20 41.38 7.69
C MET D 264 -39.70 42.28 8.81
N GLY D 265 -39.41 41.92 10.06
CA GLY D 265 -39.56 42.85 11.16
C GLY D 265 -40.86 42.74 11.94
N TYR D 266 -41.89 42.19 11.32
CA TYR D 266 -43.24 42.32 11.85
C TYR D 266 -43.77 41.03 12.47
N TRP D 267 -43.82 39.94 11.72
CA TRP D 267 -44.55 38.76 12.17
C TRP D 267 -43.94 37.52 11.53
N TYR D 268 -44.66 36.41 11.65
CA TYR D 268 -44.27 35.14 11.08
C TYR D 268 -45.40 34.61 10.20
N PHE D 269 -45.05 34.19 8.98
CA PHE D 269 -46.03 33.63 8.05
C PHE D 269 -46.35 32.21 8.48
N GLY D 270 -47.30 32.08 9.37
CA GLY D 270 -47.74 30.79 9.87
C GLY D 270 -47.97 30.82 11.37
N LYS D 271 -48.69 29.81 11.86
CA LYS D 271 -48.91 29.67 13.29
C LYS D 271 -48.83 28.23 13.77
N ALA D 272 -48.51 27.28 12.90
CA ALA D 272 -48.35 25.89 13.29
C ALA D 272 -46.96 25.33 12.99
N TRP D 273 -46.20 25.96 12.09
CA TRP D 273 -44.84 25.53 11.82
C TRP D 273 -43.85 26.03 12.87
N CYS D 274 -44.27 26.97 13.73
CA CYS D 274 -43.38 27.47 14.77
C CYS D 274 -42.92 26.34 15.70
N GLU D 275 -43.88 25.52 16.17
CA GLU D 275 -43.51 24.36 16.97
C GLU D 275 -42.65 23.38 16.19
N ILE D 276 -42.71 23.41 14.86
CA ILE D 276 -41.84 22.59 14.03
C ILE D 276 -40.63 23.36 13.52
N TYR D 277 -40.49 24.63 13.90
CA TYR D 277 -39.30 25.41 13.57
C TYR D 277 -38.53 25.87 14.80
N LEU D 278 -39.20 26.49 15.77
CA LEU D 278 -38.52 26.92 16.98
C LEU D 278 -37.91 25.75 17.74
N ALA D 279 -38.44 24.55 17.52
CA ALA D 279 -37.96 23.35 18.19
C ALA D 279 -36.89 22.70 17.34
N LEU D 280 -37.07 22.78 16.02
CA LEU D 280 -36.12 22.22 15.07
C LEU D 280 -34.78 22.94 15.19
N ASP D 281 -34.84 24.25 15.36
CA ASP D 281 -33.64 25.07 15.48
C ASP D 281 -32.82 24.68 16.70
N VAL D 282 -33.51 24.44 17.82
CA VAL D 282 -32.83 24.06 19.05
C VAL D 282 -32.11 22.71 18.90
N LEU D 283 -32.78 21.76 18.24
CA LEU D 283 -32.20 20.43 18.06
C LEU D 283 -30.93 20.42 17.21
N PHE D 284 -30.93 21.16 16.11
CA PHE D 284 -29.74 21.21 15.24
C PHE D 284 -28.55 21.83 15.96
N CYS D 285 -28.80 22.91 16.67
CA CYS D 285 -27.76 23.61 17.42
C CYS D 285 -27.21 22.71 18.53
N THR D 286 -28.11 22.00 19.19
CA THR D 286 -27.76 21.12 20.29
C THR D 286 -27.02 19.86 19.85
N SER D 287 -27.18 19.48 18.59
CA SER D 287 -26.51 18.27 18.11
C SER D 287 -25.18 18.55 17.45
N SER D 288 -24.83 19.81 17.22
CA SER D 288 -23.49 20.13 16.72
C SER D 288 -22.50 20.32 17.86
N ILE D 289 -22.94 20.91 18.97
CA ILE D 289 -22.10 20.96 20.16
C ILE D 289 -21.91 19.56 20.74
N VAL D 290 -22.98 18.76 20.77
CA VAL D 290 -22.91 17.45 21.40
C VAL D 290 -22.06 16.47 20.60
N HIS D 291 -21.93 16.66 19.30
CA HIS D 291 -20.96 15.87 18.55
C HIS D 291 -19.53 16.28 18.80
N LEU D 292 -19.31 17.46 19.40
CA LEU D 292 -17.95 17.91 19.66
C LEU D 292 -17.37 17.30 20.93
N CYS D 293 -18.21 16.84 21.86
CA CYS D 293 -17.73 16.05 22.99
C CYS D 293 -17.39 14.63 22.59
N ALA D 294 -18.09 14.06 21.60
CA ALA D 294 -17.81 12.71 21.14
C ALA D 294 -16.48 12.65 20.39
N ILE D 295 -16.17 13.67 19.60
CA ILE D 295 -14.87 13.78 18.98
C ILE D 295 -13.79 13.95 20.04
N SER D 296 -14.04 14.83 21.01
CA SER D 296 -13.06 15.10 22.07
C SER D 296 -12.83 13.87 22.94
N LEU D 297 -13.89 13.16 23.31
CA LEU D 297 -13.72 11.99 24.17
C LEU D 297 -13.08 10.83 23.43
N ASP D 298 -13.28 10.76 22.11
CA ASP D 298 -12.68 9.68 21.33
C ASP D 298 -11.16 9.74 21.37
N ARG D 299 -10.60 10.93 21.18
CA ARG D 299 -9.16 11.10 21.14
C ARG D 299 -8.53 11.22 22.52
N TYR D 300 -9.34 11.14 23.58
CA TYR D 300 -8.82 11.09 24.93
C TYR D 300 -8.56 9.67 25.39
N TRP D 301 -9.43 8.73 25.00
CA TRP D 301 -9.19 7.32 25.31
C TRP D 301 -8.10 6.74 24.41
N SER D 302 -7.96 7.27 23.19
CA SER D 302 -6.91 6.80 22.30
C SER D 302 -5.52 7.20 22.78
N ILE D 303 -5.44 8.22 23.63
CA ILE D 303 -4.15 8.75 24.08
C ILE D 303 -3.76 8.24 25.46
N THR D 304 -4.72 7.87 26.30
CA THR D 304 -4.44 7.36 27.64
C THR D 304 -4.53 5.84 27.72
N GLN D 305 -5.56 5.24 27.12
CA GLN D 305 -5.77 3.79 27.10
C GLN D 305 -5.42 3.18 25.75
N ALA D 306 -4.32 3.64 25.13
CA ALA D 306 -4.05 3.36 23.72
C ALA D 306 -4.17 1.89 23.38
N ILE D 307 -3.36 1.04 24.03
CA ILE D 307 -3.35 -0.38 23.69
C ILE D 307 -4.67 -1.04 24.08
N GLU D 308 -5.23 -0.64 25.23
CA GLU D 308 -6.52 -1.17 25.64
C GLU D 308 -7.63 -0.73 24.69
N TYR D 309 -7.45 0.41 24.02
CA TYR D 309 -8.47 0.98 23.16
C TYR D 309 -8.28 0.61 21.70
N ASN D 310 -7.37 -0.32 21.40
CA ASN D 310 -7.26 -0.82 20.03
C ASN D 310 -8.52 -1.55 19.61
N LEU D 311 -9.16 -2.25 20.55
CA LEU D 311 -10.50 -2.77 20.36
C LEU D 311 -11.49 -1.66 20.72
N LYS D 312 -12.77 -1.99 20.80
CA LYS D 312 -13.84 -1.01 21.04
C LYS D 312 -13.82 0.12 20.01
N ARG D 313 -13.06 -0.04 18.94
CA ARG D 313 -12.99 0.90 17.84
C ARG D 313 -13.88 0.45 16.68
N THR D 314 -14.61 -0.64 16.87
CA THR D 314 -15.42 -1.18 15.78
C THR D 314 -16.62 -0.26 15.52
N PRO D 315 -17.07 -0.16 14.26
CA PRO D 315 -18.24 0.65 13.96
C PRO D 315 -19.49 0.22 14.71
N ARG D 316 -19.45 -0.96 15.33
CA ARG D 316 -20.54 -1.37 16.21
C ARG D 316 -20.67 -0.42 17.38
N ARG D 317 -19.55 0.01 17.96
CA ARG D 317 -19.60 1.02 19.02
C ARG D 317 -19.76 2.42 18.46
N ILE D 318 -19.11 2.72 17.34
CA ILE D 318 -19.18 4.05 16.76
C ILE D 318 -20.62 4.40 16.38
N LYS D 319 -21.33 3.44 15.77
CA LYS D 319 -22.72 3.68 15.42
C LYS D 319 -23.57 3.87 16.66
N ALA D 320 -23.25 3.18 17.75
CA ALA D 320 -23.99 3.35 18.99
C ALA D 320 -23.90 4.78 19.52
N ILE D 321 -22.71 5.38 19.40
CA ILE D 321 -22.52 6.74 19.91
C ILE D 321 -23.33 7.73 19.08
N ILE D 322 -23.23 7.64 17.75
CA ILE D 322 -23.89 8.62 16.88
C ILE D 322 -25.40 8.53 17.03
N ILE D 323 -25.95 7.32 17.12
CA ILE D 323 -27.37 7.19 17.38
C ILE D 323 -27.69 7.71 18.78
N THR D 324 -26.76 7.59 19.73
CA THR D 324 -26.97 8.13 21.06
C THR D 324 -26.85 9.65 21.07
N VAL D 325 -26.03 10.21 20.18
CA VAL D 325 -25.87 11.66 20.14
C VAL D 325 -27.14 12.34 19.64
N TRP D 326 -27.74 11.79 18.58
CA TRP D 326 -28.88 12.43 17.96
C TRP D 326 -30.14 12.30 18.80
N VAL D 327 -30.27 11.22 19.58
CA VAL D 327 -31.47 11.06 20.40
C VAL D 327 -31.45 12.02 21.59
N ILE D 328 -30.26 12.29 22.14
CA ILE D 328 -30.17 13.27 23.23
C ILE D 328 -30.58 14.64 22.74
N SER D 329 -30.12 15.02 21.55
CA SER D 329 -30.55 16.27 20.94
C SER D 329 -32.06 16.32 20.76
N ALA D 330 -32.66 15.17 20.44
CA ALA D 330 -34.11 15.12 20.24
C ALA D 330 -34.85 15.37 21.54
N VAL D 331 -34.34 14.88 22.66
CA VAL D 331 -35.05 15.01 23.93
C VAL D 331 -35.21 16.48 24.31
N ILE D 332 -34.13 17.26 24.18
CA ILE D 332 -34.19 18.66 24.58
C ILE D 332 -34.92 19.52 23.56
N SER D 333 -34.96 19.09 22.29
CA SER D 333 -35.58 19.92 21.25
C SER D 333 -37.09 19.92 21.38
N PHE D 334 -37.69 18.75 21.61
CA PHE D 334 -39.14 18.58 21.61
C PHE D 334 -39.55 17.94 22.93
N PRO D 335 -39.72 18.75 24.00
CA PRO D 335 -40.14 18.26 25.32
C PRO D 335 -41.57 17.76 25.31
N GLU D 353 -49.21 39.81 12.48
CA GLU D 353 -48.86 40.62 13.65
C GLU D 353 -48.15 39.82 14.75
N PRO D 354 -48.65 38.63 15.12
CA PRO D 354 -47.92 37.83 16.12
C PRO D 354 -46.53 37.46 15.61
N ARG D 355 -45.57 37.43 16.52
CA ARG D 355 -44.17 37.22 16.20
C ARG D 355 -43.71 35.87 16.75
N CYS D 356 -42.43 35.57 16.53
CA CYS D 356 -41.79 34.39 17.10
C CYS D 356 -40.78 34.81 18.16
N GLU D 357 -40.97 34.31 19.37
CA GLU D 357 -40.05 34.54 20.47
C GLU D 357 -39.58 33.19 20.99
N ILE D 358 -38.26 33.03 21.10
CA ILE D 358 -37.68 31.83 21.70
C ILE D 358 -38.29 31.65 23.08
N ASN D 359 -38.42 30.39 23.52
CA ASN D 359 -39.15 30.09 24.73
C ASN D 359 -38.63 30.91 25.90
N ASP D 360 -39.56 31.47 26.67
CA ASP D 360 -39.22 32.29 27.82
C ASP D 360 -39.80 31.73 29.11
N GLN D 361 -39.98 30.42 29.19
CA GLN D 361 -40.40 29.77 30.42
C GLN D 361 -39.19 29.54 31.31
N LYS D 362 -39.27 30.00 32.56
CA LYS D 362 -38.10 29.98 33.43
C LYS D 362 -37.59 28.57 33.69
N TRP D 363 -38.46 27.56 33.60
CA TRP D 363 -38.05 26.19 33.86
C TRP D 363 -37.47 25.50 32.63
N TYR D 364 -37.58 26.11 31.45
CA TYR D 364 -37.03 25.53 30.23
C TYR D 364 -35.80 26.27 29.72
N VAL D 365 -35.72 27.58 29.93
CA VAL D 365 -34.58 28.35 29.45
C VAL D 365 -33.30 27.93 30.17
N ILE D 366 -33.38 27.75 31.48
CA ILE D 366 -32.18 27.39 32.24
C ILE D 366 -31.98 25.88 32.22
N SER D 367 -33.04 25.10 32.00
CA SER D 367 -32.88 23.65 31.88
C SER D 367 -32.17 23.27 30.59
N SER D 368 -32.47 23.97 29.49
CA SER D 368 -31.88 23.61 28.21
C SER D 368 -30.52 24.24 27.98
N CYS D 369 -30.17 25.28 28.73
CA CYS D 369 -28.84 25.87 28.59
C CYS D 369 -27.77 25.00 29.25
N ILE D 370 -28.08 24.47 30.43
CA ILE D 370 -27.13 23.58 31.11
C ILE D 370 -26.95 22.30 30.32
N GLY D 371 -28.03 21.73 29.81
CA GLY D 371 -27.96 20.46 29.12
C GLY D 371 -27.46 20.52 27.69
N SER D 372 -27.20 21.71 27.16
CA SER D 372 -26.76 21.87 25.79
C SER D 372 -25.40 22.54 25.65
N PHE D 373 -25.06 23.46 26.55
CA PHE D 373 -23.73 24.10 26.50
C PHE D 373 -22.91 23.85 27.75
N PHE D 374 -23.43 24.20 28.94
CA PHE D 374 -22.59 24.20 30.13
C PHE D 374 -22.16 22.80 30.54
N ALA D 375 -22.94 21.78 30.19
CA ALA D 375 -22.50 20.43 30.47
C ALA D 375 -21.50 19.95 29.41
N PRO D 376 -21.76 20.12 28.11
CA PRO D 376 -20.72 19.77 27.13
C PRO D 376 -19.46 20.61 27.20
N CYS D 377 -19.51 21.81 27.80
CA CYS D 377 -18.30 22.60 27.94
C CYS D 377 -17.44 22.16 29.11
N LEU D 378 -17.99 21.37 30.03
CA LEU D 378 -17.25 20.83 31.17
C LEU D 378 -16.56 19.52 30.85
N ILE D 379 -16.73 19.01 29.63
CA ILE D 379 -16.11 17.78 29.19
C ILE D 379 -15.18 17.99 28.00
N MET D 380 -15.00 19.23 27.56
CA MET D 380 -13.99 19.56 26.57
C MET D 380 -12.80 20.32 27.15
N ILE D 381 -12.93 20.89 28.35
CA ILE D 381 -11.79 21.53 28.99
C ILE D 381 -11.05 20.55 29.90
N LEU D 382 -11.78 19.70 30.62
CA LEU D 382 -11.13 18.68 31.42
C LEU D 382 -10.37 17.68 30.55
N VAL D 383 -10.95 17.31 29.41
CA VAL D 383 -10.28 16.40 28.49
C VAL D 383 -9.04 17.06 27.88
N TYR D 384 -9.15 18.32 27.47
CA TYR D 384 -8.08 18.96 26.71
C TYR D 384 -6.98 19.56 27.58
N VAL D 385 -7.11 19.51 28.91
CA VAL D 385 -5.98 19.82 29.78
C VAL D 385 -5.38 18.55 30.38
N ARG D 386 -6.11 17.44 30.38
CA ARG D 386 -5.48 16.16 30.67
C ARG D 386 -4.64 15.70 29.50
N ILE D 387 -5.09 15.96 28.27
CA ILE D 387 -4.29 15.71 27.08
C ILE D 387 -3.11 16.66 26.99
N TYR D 388 -3.17 17.79 27.69
CA TYR D 388 -2.03 18.68 27.79
C TYR D 388 -0.91 18.10 28.65
N GLN D 389 -1.27 17.36 29.69
CA GLN D 389 -0.27 16.73 30.54
C GLN D 389 0.43 15.58 29.82
N ILE D 390 -0.34 14.77 29.09
CA ILE D 390 0.24 13.61 28.41
C ILE D 390 1.28 14.05 27.39
N ALA D 391 0.92 15.01 26.53
CA ALA D 391 1.78 15.36 25.41
C ALA D 391 2.98 16.21 25.82
N LYS D 392 3.03 16.70 27.06
CA LYS D 392 4.20 17.44 27.52
C LYS D 392 5.25 16.52 28.15
N ARG D 393 4.82 15.49 28.88
CA ARG D 393 5.78 14.54 29.43
C ARG D 393 6.27 13.58 28.36
N ARG D 394 5.41 13.25 27.40
CA ARG D 394 5.70 12.16 26.48
C ARG D 394 6.69 12.56 25.41
N THR D 395 6.36 13.58 24.62
CA THR D 395 7.21 13.95 23.49
C THR D 395 8.60 14.33 23.96
N ARG D 396 8.72 15.42 24.72
CA ARG D 396 10.01 15.95 25.17
C ARG D 396 11.00 16.07 24.02
N GLN D 397 10.50 16.41 22.83
CA GLN D 397 11.30 16.47 21.61
C GLN D 397 11.45 17.89 21.11
N ASN D 398 11.47 18.87 22.01
CA ASN D 398 11.57 20.30 21.70
C ASN D 398 10.38 20.79 20.88
N ARG D 399 9.27 20.06 20.90
CA ARG D 399 8.05 20.42 20.20
C ARG D 399 7.01 21.02 21.14
N GLU D 400 7.47 21.80 22.13
CA GLU D 400 6.55 22.33 23.14
C GLU D 400 5.50 23.25 22.52
N LYS D 401 5.90 24.10 21.57
CA LYS D 401 4.98 25.09 21.02
C LYS D 401 3.94 24.45 20.11
N ARG D 402 4.22 23.26 19.58
CA ARG D 402 3.31 22.64 18.61
C ARG D 402 1.97 22.28 19.24
N PHE D 403 2.00 21.57 20.38
CA PHE D 403 0.79 21.04 20.98
C PHE D 403 0.18 21.97 22.03
N THR D 404 0.61 23.24 22.07
CA THR D 404 -0.04 24.23 22.92
C THR D 404 -0.83 25.25 22.14
N PHE D 405 -0.45 25.52 20.89
CA PHE D 405 -1.26 26.36 20.01
C PHE D 405 -2.38 25.58 19.33
N VAL D 406 -2.30 24.25 19.33
CA VAL D 406 -3.38 23.46 18.77
C VAL D 406 -4.51 23.30 19.77
N LEU D 407 -4.18 23.14 21.06
CA LEU D 407 -5.19 23.04 22.10
C LEU D 407 -5.74 24.38 22.54
N ALA D 408 -5.19 25.49 22.06
CA ALA D 408 -5.71 26.81 22.39
C ALA D 408 -6.72 27.31 21.37
N VAL D 409 -6.59 26.92 20.10
CA VAL D 409 -7.57 27.32 19.10
C VAL D 409 -8.74 26.34 19.01
N VAL D 410 -8.59 25.12 19.52
CA VAL D 410 -9.73 24.22 19.56
C VAL D 410 -10.73 24.68 20.62
N ILE D 411 -10.25 25.09 21.78
CA ILE D 411 -11.13 25.52 22.86
C ILE D 411 -11.52 26.98 22.71
N GLY D 412 -10.60 27.84 22.29
CA GLY D 412 -10.91 29.26 22.22
C GLY D 412 -12.02 29.57 21.23
N VAL D 413 -11.96 28.94 20.06
CA VAL D 413 -12.99 29.17 19.04
C VAL D 413 -14.36 28.73 19.54
N PHE D 414 -14.42 27.55 20.15
CA PHE D 414 -15.69 27.00 20.61
C PHE D 414 -16.32 27.87 21.69
N VAL D 415 -15.51 28.51 22.53
CA VAL D 415 -16.04 29.25 23.66
C VAL D 415 -16.41 30.67 23.29
N VAL D 416 -15.58 31.36 22.50
CA VAL D 416 -15.90 32.75 22.15
C VAL D 416 -17.14 32.80 21.27
N CYS D 417 -17.34 31.79 20.42
CA CYS D 417 -18.54 31.74 19.58
C CYS D 417 -19.80 31.54 20.40
N TRP D 418 -19.79 30.58 21.32
CA TRP D 418 -21.02 30.12 21.95
C TRP D 418 -21.26 30.68 23.35
N PHE D 419 -20.23 31.08 24.07
CA PHE D 419 -20.41 31.46 25.47
C PHE D 419 -21.30 32.66 25.68
N PRO D 420 -21.15 33.78 24.96
CA PRO D 420 -22.00 34.94 25.26
C PRO D 420 -23.49 34.67 25.19
N PHE D 421 -23.95 33.87 24.20
CA PHE D 421 -25.38 33.62 24.08
C PHE D 421 -25.90 32.85 25.28
N PHE D 422 -25.28 31.72 25.61
CA PHE D 422 -25.76 30.91 26.72
C PHE D 422 -25.52 31.57 28.06
N PHE D 423 -24.68 32.61 28.10
CA PHE D 423 -24.45 33.35 29.33
C PHE D 423 -25.50 34.44 29.55
N THR D 424 -25.73 35.26 28.52
CA THR D 424 -26.74 36.32 28.63
C THR D 424 -28.15 35.73 28.68
N TYR D 425 -28.38 34.63 27.97
CA TYR D 425 -29.69 34.00 27.97
C TYR D 425 -30.09 33.55 29.36
N THR D 426 -29.13 33.01 30.12
CA THR D 426 -29.42 32.54 31.47
C THR D 426 -29.66 33.71 32.44
N LEU D 427 -29.00 34.85 32.21
CA LEU D 427 -29.23 36.01 33.04
C LEU D 427 -30.64 36.55 32.88
N THR D 428 -31.15 36.58 31.65
CA THR D 428 -32.52 37.02 31.41
C THR D 428 -33.56 36.04 31.92
N ALA D 429 -33.15 35.00 32.63
CA ALA D 429 -34.08 34.03 33.21
C ALA D 429 -34.21 34.15 34.72
N VAL D 430 -33.11 34.40 35.44
CA VAL D 430 -33.16 34.51 36.88
C VAL D 430 -33.78 35.81 37.36
N GLY D 431 -33.97 36.78 36.47
CA GLY D 431 -34.56 38.04 36.87
C GLY D 431 -33.66 39.24 36.67
N CYS D 432 -32.81 39.20 35.66
CA CYS D 432 -31.98 40.34 35.28
C CYS D 432 -32.47 40.92 33.96
N SER D 433 -31.77 41.94 33.48
CA SER D 433 -32.07 42.58 32.22
C SER D 433 -30.80 42.73 31.40
N VAL D 434 -30.90 42.47 30.10
CA VAL D 434 -29.78 42.56 29.18
C VAL D 434 -30.24 43.38 27.98
N PRO D 435 -29.42 44.28 27.44
CA PRO D 435 -29.84 45.05 26.26
C PRO D 435 -30.17 44.14 25.09
N ARG D 436 -31.23 44.49 24.36
CA ARG D 436 -31.64 43.69 23.22
C ARG D 436 -30.72 43.87 22.02
N THR D 437 -29.92 44.93 22.00
CA THR D 437 -28.93 45.09 20.94
C THR D 437 -27.85 44.01 21.03
N LEU D 438 -27.26 43.86 22.22
CA LEU D 438 -26.21 42.87 22.40
C LEU D 438 -26.73 41.45 22.20
N PHE D 439 -27.94 41.17 22.70
CA PHE D 439 -28.46 39.82 22.66
C PHE D 439 -28.60 39.32 21.22
N LYS D 440 -29.03 40.19 20.31
CA LYS D 440 -29.10 39.80 18.91
C LYS D 440 -27.71 39.69 18.29
N PHE D 441 -26.75 40.47 18.78
CA PHE D 441 -25.36 40.26 18.38
C PHE D 441 -24.88 38.88 18.79
N PHE D 442 -25.21 38.48 20.02
CA PHE D 442 -24.75 37.18 20.52
C PHE D 442 -25.53 36.03 19.91
N PHE D 443 -26.77 36.28 19.47
CA PHE D 443 -27.62 35.21 18.96
C PHE D 443 -27.02 34.56 17.72
N TRP D 444 -26.47 35.37 16.81
CA TRP D 444 -25.94 34.87 15.56
C TRP D 444 -24.51 34.36 15.66
N PHE D 445 -23.86 34.52 16.81
CA PHE D 445 -22.53 33.95 17.00
C PHE D 445 -22.56 32.42 16.98
N GLY D 446 -23.63 31.83 17.50
CA GLY D 446 -23.73 30.38 17.50
C GLY D 446 -23.79 29.79 16.10
N TYR D 447 -24.47 30.49 15.18
CA TYR D 447 -24.51 30.03 13.80
C TYR D 447 -23.14 30.06 13.16
N CYS D 448 -22.27 30.97 13.59
CA CYS D 448 -20.93 31.06 13.01
C CYS D 448 -20.12 29.81 13.29
N ASN D 449 -20.28 29.22 14.48
CA ASN D 449 -19.47 28.06 14.85
C ASN D 449 -19.73 26.86 13.95
N SER D 450 -20.92 26.79 13.33
CA SER D 450 -21.22 25.66 12.46
C SER D 450 -20.33 25.68 11.22
N SER D 451 -20.00 26.87 10.72
CA SER D 451 -19.15 26.97 9.55
C SER D 451 -17.69 26.66 9.87
N LEU D 452 -17.24 27.05 11.07
CA LEU D 452 -15.84 26.90 11.44
C LEU D 452 -15.47 25.47 11.83
N ASN D 453 -16.45 24.63 12.18
CA ASN D 453 -16.16 23.27 12.64
C ASN D 453 -15.33 22.46 11.65
N PRO D 454 -15.60 22.43 10.35
CA PRO D 454 -14.72 21.70 9.43
C PRO D 454 -13.31 22.25 9.38
N VAL D 455 -13.10 23.51 9.77
CA VAL D 455 -11.77 24.10 9.71
C VAL D 455 -10.90 23.62 10.86
N ILE D 456 -11.38 23.84 12.10
CA ILE D 456 -10.55 23.55 13.27
C ILE D 456 -10.27 22.06 13.39
N TYR D 457 -11.26 21.22 13.10
CA TYR D 457 -11.17 19.80 13.41
C TYR D 457 -10.64 18.95 12.26
N THR D 458 -10.23 19.57 11.14
CA THR D 458 -9.68 18.81 10.03
C THR D 458 -8.45 19.45 9.39
N ILE D 459 -7.88 20.52 9.95
CA ILE D 459 -6.79 21.21 9.29
C ILE D 459 -5.42 20.76 9.79
N PHE D 460 -5.32 20.36 11.06
CA PHE D 460 -4.04 19.95 11.61
C PHE D 460 -3.69 18.50 11.31
N ASN D 461 -4.59 17.77 10.65
CA ASN D 461 -4.36 16.39 10.25
C ASN D 461 -3.85 16.36 8.82
N HIS D 462 -2.72 15.69 8.60
CA HIS D 462 -2.16 15.59 7.26
C HIS D 462 -3.05 14.75 6.35
N ASP D 463 -3.72 13.74 6.90
CA ASP D 463 -4.50 12.83 6.07
C ASP D 463 -5.64 13.53 5.36
N PHE D 464 -6.34 14.43 6.05
CA PHE D 464 -7.45 15.13 5.41
C PHE D 464 -6.98 16.08 4.31
N ARG D 465 -5.83 16.73 4.50
CA ARG D 465 -5.33 17.65 3.48
C ARG D 465 -5.01 16.92 2.19
N ARG D 466 -4.40 15.73 2.28
CA ARG D 466 -4.09 14.95 1.09
C ARG D 466 -5.36 14.53 0.35
N ALA D 467 -6.38 14.10 1.09
CA ALA D 467 -7.61 13.66 0.46
C ALA D 467 -8.40 14.84 -0.13
N PHE D 468 -8.21 16.05 0.43
CA PHE D 468 -8.87 17.22 -0.13
C PHE D 468 -8.38 17.52 -1.54
N LYS D 469 -7.06 17.41 -1.75
CA LYS D 469 -6.51 17.61 -3.09
C LYS D 469 -7.02 16.56 -4.07
N LYS D 470 -7.37 15.38 -3.56
CA LYS D 470 -7.91 14.32 -4.43
C LYS D 470 -9.17 14.78 -5.15
N ILE D 471 -9.94 15.69 -4.54
CA ILE D 471 -11.14 16.23 -5.15
C ILE D 471 -11.00 17.70 -5.50
N LEU D 472 -9.93 18.36 -5.06
CA LEU D 472 -9.75 19.78 -5.32
C LEU D 472 -8.28 20.17 -5.19
#